data_7ACN
#
_entry.id   7ACN
#
_cell.length_a   185.500
_cell.length_b   72.000
_cell.length_c   73.000
_cell.angle_alpha   90.00
_cell.angle_beta   90.00
_cell.angle_gamma   77.70
#
_symmetry.space_group_name_H-M   'B 1 1 2'
#
loop_
_entity.id
_entity.type
_entity.pdbx_description
1 polymer ACONITASE
2 non-polymer 'IRON/SULFUR CLUSTER'
3 non-polymer 'ISOCITRIC ACID'
4 water water
#
_entity_poly.entity_id   1
_entity_poly.type   'polypeptide(L)'
_entity_poly.pdbx_seq_one_letter_code
;(PCA)RAKVAMSHFEPHEYIRYDLLEKNIDIVRKRLNRPLTLSEKIVYGHLDDPANQEIERGKTYLRLRPDRVAMQDATA
QMAMLQFISSGLPKVAVPSTIHCDHLIEAQLGGEKDLRRAKDINQEVYNFLATAGAKYGVGFWRPGSGIIHQIILENYAY
PGVLLIGTDSHTPNGGGLGGICIGVGGADAVDVMAGIPWELKCPKVIGVKLTGSLSGWTSPKDVILKVAGILTVKGGTGA
IVEYHGPGVDSISCTGMATICNMGAEIGATTSVFPYNHRMKKYLSKTGRADIANLADEFKDHLVPDPGCHYDQVIEINLS
ELKPHINGPFTPDLAHPVAEVGSVAEKEGWPLDIRVGLIGSCTNSSYEDMGRSAAVAKQALAHGLKCKSQFTITPGSEQI
RATIERDGYAQVLRDVGGIVLANACGPCIGQWDRKDIKKGEKNTIVTSYNRNFTGRNDANPETHAFVTSPEIVTALAIAG
TLKFNPETDFLTGKDGKKFKLEAPDADELPRAEFDPGQDTYQHPPKDSSGQRVDVSPTSQRLQLLEPFDKWDGKDLEDLQ
ILIKVKGKCTTDHISAAGPWLKFRGHLDNISNNLLIGAINIENRKANSVRNAVTQEFGPVPDTARYYKQHGIRWVVIGDE
NYGEGSSREHSALEPRHLGGRAIITKSFARIHETNLKKQGLLPLTFADPADYNKIHPVDKLTIQGLKDFAPGKPLKCIIK
HPNGTQETILLNHTFNETQIEWFRAGSALNRMKELQQK
;
_entity_poly.pdbx_strand_id   A
#
loop_
_chem_comp.id
_chem_comp.type
_chem_comp.name
_chem_comp.formula
ICT non-polymer 'ISOCITRIC ACID' 'C6 H8 O7'
SF4 non-polymer 'IRON/SULFUR CLUSTER' 'Fe4 S4'
#
# COMPACT_ATOMS: atom_id res chain seq x y z
N ARG A 2 30.12 -10.15 -15.88
CA ARG A 2 30.53 -10.21 -14.49
C ARG A 2 30.11 -11.68 -14.25
N ALA A 3 29.43 -11.88 -13.11
CA ALA A 3 28.72 -13.07 -12.75
C ALA A 3 27.42 -13.10 -13.56
N LYS A 4 26.86 -14.26 -13.86
CA LYS A 4 25.58 -14.37 -14.50
C LYS A 4 24.67 -15.04 -13.50
N VAL A 5 24.14 -14.30 -12.53
CA VAL A 5 23.23 -14.85 -11.53
C VAL A 5 21.84 -14.29 -11.88
N ALA A 6 20.86 -15.14 -12.10
CA ALA A 6 19.53 -14.76 -12.52
C ALA A 6 18.77 -14.05 -11.41
N MET A 7 17.86 -13.15 -11.78
CA MET A 7 17.03 -12.38 -10.86
C MET A 7 16.07 -13.25 -10.10
N SER A 8 15.67 -14.37 -10.66
CA SER A 8 14.82 -15.27 -9.94
C SER A 8 14.88 -16.65 -10.60
N HIS A 9 14.22 -17.66 -10.01
CA HIS A 9 14.11 -18.97 -10.61
C HIS A 9 13.25 -18.99 -11.87
N PHE A 10 12.41 -17.99 -12.10
CA PHE A 10 11.47 -18.00 -13.21
C PHE A 10 12.05 -17.24 -14.39
N GLU A 11 13.15 -16.49 -14.20
CA GLU A 11 13.71 -15.73 -15.32
C GLU A 11 15.19 -16.01 -15.36
N PRO A 12 15.59 -17.18 -15.88
CA PRO A 12 16.96 -17.70 -15.77
C PRO A 12 18.01 -16.94 -16.53
N HIS A 13 17.52 -16.08 -17.39
CA HIS A 13 18.22 -15.29 -18.39
C HIS A 13 18.30 -13.81 -18.03
N GLU A 14 17.59 -13.38 -16.97
CA GLU A 14 17.58 -12.00 -16.59
C GLU A 14 18.61 -11.95 -15.48
N TYR A 15 19.72 -11.27 -15.68
CA TYR A 15 20.77 -11.27 -14.67
C TYR A 15 20.77 -10.05 -13.79
N ILE A 16 21.13 -10.21 -12.52
CA ILE A 16 21.37 -9.13 -11.57
C ILE A 16 22.59 -8.36 -12.07
N ARG A 17 22.40 -7.07 -12.17
CA ARG A 17 23.40 -6.15 -12.63
C ARG A 17 23.99 -5.37 -11.47
N TYR A 18 24.72 -6.00 -10.55
CA TYR A 18 25.37 -5.21 -9.49
C TYR A 18 26.54 -4.43 -10.07
N ASP A 19 27.12 -4.83 -11.19
CA ASP A 19 28.18 -4.12 -11.89
C ASP A 19 27.74 -2.72 -12.35
N LEU A 20 26.51 -2.69 -12.87
CA LEU A 20 25.81 -1.50 -13.28
C LEU A 20 25.55 -0.57 -12.10
N LEU A 21 25.05 -1.15 -11.01
CA LEU A 21 24.83 -0.42 -9.77
C LEU A 21 26.12 0.26 -9.28
N GLU A 22 27.20 -0.51 -9.20
CA GLU A 22 28.52 -0.06 -8.78
C GLU A 22 28.96 1.09 -9.65
N LYS A 23 28.88 0.89 -10.94
CA LYS A 23 29.26 1.90 -11.90
C LYS A 23 28.52 3.22 -11.73
N ASN A 24 27.22 3.16 -11.48
CA ASN A 24 26.42 4.36 -11.33
C ASN A 24 26.67 5.02 -10.00
N ILE A 25 26.81 4.31 -8.89
CA ILE A 25 27.13 4.85 -7.58
C ILE A 25 28.45 5.62 -7.67
N ASP A 26 29.43 5.03 -8.35
CA ASP A 26 30.69 5.68 -8.46
C ASP A 26 30.61 6.95 -9.29
N ILE A 27 29.84 7.02 -10.37
CA ILE A 27 29.67 8.27 -11.10
C ILE A 27 29.05 9.36 -10.21
N VAL A 28 27.99 9.01 -9.48
CA VAL A 28 27.28 9.94 -8.61
C VAL A 28 28.12 10.39 -7.41
N ARG A 29 28.82 9.50 -6.69
CA ARG A 29 29.58 9.93 -5.54
C ARG A 29 30.73 10.79 -6.01
N LYS A 30 31.30 10.65 -7.21
CA LYS A 30 32.26 11.59 -7.77
C LYS A 30 31.68 13.01 -7.94
N ARG A 31 30.39 13.10 -8.18
CA ARG A 31 29.77 14.39 -8.38
C ARG A 31 29.45 15.01 -7.04
N LEU A 32 29.02 14.20 -6.08
CA LEU A 32 28.53 14.75 -4.83
C LEU A 32 29.60 14.87 -3.78
N ASN A 33 30.67 14.06 -3.78
CA ASN A 33 31.77 14.15 -2.84
C ASN A 33 31.31 14.15 -1.42
N ARG A 34 30.47 13.17 -1.09
CA ARG A 34 29.98 13.05 0.27
C ARG A 34 29.51 11.63 0.46
N PRO A 35 29.39 11.14 1.70
CA PRO A 35 28.78 9.86 2.02
C PRO A 35 27.34 9.79 1.55
N LEU A 36 27.01 8.60 1.06
CA LEU A 36 25.67 8.31 0.56
C LEU A 36 24.95 7.40 1.51
N THR A 37 23.68 7.62 1.81
CA THR A 37 22.97 6.64 2.63
C THR A 37 22.78 5.36 1.78
N LEU A 38 22.30 4.27 2.37
CA LEU A 38 21.97 3.07 1.59
C LEU A 38 20.86 3.35 0.55
N SER A 39 19.79 4.09 0.88
CA SER A 39 18.71 4.34 -0.05
C SER A 39 19.25 5.16 -1.19
N GLU A 40 20.16 6.11 -0.94
CA GLU A 40 20.77 6.90 -2.00
C GLU A 40 21.60 6.03 -2.88
N LYS A 41 22.33 5.06 -2.35
CA LYS A 41 23.12 4.20 -3.21
C LYS A 41 22.24 3.41 -4.18
N ILE A 42 21.16 2.81 -3.69
CA ILE A 42 20.34 1.95 -4.55
C ILE A 42 19.51 2.79 -5.52
N VAL A 43 18.95 3.87 -5.05
CA VAL A 43 18.16 4.73 -5.88
C VAL A 43 19.07 5.43 -6.90
N TYR A 44 20.14 6.15 -6.48
CA TYR A 44 20.94 6.85 -7.47
C TYR A 44 21.69 5.82 -8.31
N GLY A 45 21.95 4.61 -7.81
CA GLY A 45 22.59 3.59 -8.65
C GLY A 45 21.65 3.11 -9.77
N HIS A 46 20.35 3.43 -9.77
CA HIS A 46 19.41 3.04 -10.82
C HIS A 46 19.02 4.21 -11.67
N LEU A 47 19.79 5.31 -11.67
CA LEU A 47 19.46 6.49 -12.46
C LEU A 47 19.67 6.25 -13.95
N ASP A 48 18.81 6.85 -14.76
CA ASP A 48 18.90 6.71 -16.18
C ASP A 48 20.10 7.47 -16.70
N ASP A 49 20.37 8.60 -16.10
CA ASP A 49 21.52 9.40 -16.50
C ASP A 49 22.33 9.87 -15.28
N PRO A 50 23.14 9.02 -14.63
CA PRO A 50 23.84 9.36 -13.40
C PRO A 50 24.76 10.58 -13.55
N ALA A 51 25.34 10.79 -14.73
CA ALA A 51 26.19 11.90 -15.00
C ALA A 51 25.47 13.21 -15.09
N ASN A 52 24.21 13.29 -15.51
CA ASN A 52 23.62 14.59 -15.67
C ASN A 52 22.47 14.88 -14.77
N GLN A 53 21.91 13.87 -14.13
CA GLN A 53 20.84 14.05 -13.21
C GLN A 53 21.16 15.06 -12.09
N GLU A 54 20.26 16.04 -11.90
CA GLU A 54 20.31 16.97 -10.78
C GLU A 54 19.72 16.23 -9.60
N ILE A 55 20.42 16.21 -8.47
CA ILE A 55 20.10 15.38 -7.33
C ILE A 55 19.99 16.36 -6.18
N GLU A 56 18.79 16.72 -5.68
CA GLU A 56 18.67 17.53 -4.46
C GLU A 56 17.57 16.86 -3.65
N ARG A 57 17.83 16.38 -2.41
CA ARG A 57 16.80 15.70 -1.63
C ARG A 57 15.62 16.63 -1.43
N GLY A 58 14.44 16.10 -1.66
CA GLY A 58 13.19 16.83 -1.55
C GLY A 58 12.94 17.75 -2.72
N LYS A 59 13.80 17.83 -3.73
CA LYS A 59 13.60 18.86 -4.71
C LYS A 59 13.64 18.45 -6.13
N THR A 60 14.53 17.59 -6.59
CA THR A 60 14.55 17.29 -8.00
C THR A 60 13.75 16.03 -8.28
N TYR A 61 13.27 15.83 -9.49
CA TYR A 61 12.61 14.59 -9.91
C TYR A 61 13.68 13.73 -10.57
N LEU A 62 13.92 12.56 -10.01
CA LEU A 62 14.85 11.57 -10.53
C LEU A 62 14.25 10.72 -11.66
N ARG A 63 14.97 10.44 -12.75
CA ARG A 63 14.50 9.59 -13.85
C ARG A 63 15.24 8.28 -13.64
N LEU A 64 14.48 7.28 -13.23
CA LEU A 64 14.95 5.99 -12.77
C LEU A 64 14.58 4.89 -13.72
N ARG A 65 15.37 3.81 -13.65
CA ARG A 65 15.15 2.56 -14.35
C ARG A 65 14.85 1.40 -13.40
N PRO A 66 13.59 1.10 -13.01
CA PRO A 66 13.31 -0.06 -12.13
C PRO A 66 13.74 -1.38 -12.80
N ASP A 67 14.04 -2.37 -11.97
CA ASP A 67 14.39 -3.70 -12.41
C ASP A 67 13.16 -4.56 -12.70
N ARG A 68 12.05 -4.38 -12.01
CA ARG A 68 10.89 -5.24 -12.26
C ARG A 68 9.65 -4.55 -11.75
N VAL A 69 8.47 -5.02 -12.22
CA VAL A 69 7.14 -4.47 -11.91
C VAL A 69 6.30 -5.61 -11.33
N ALA A 70 5.54 -5.43 -10.26
CA ALA A 70 4.67 -6.44 -9.70
C ALA A 70 3.29 -5.81 -9.57
N MET A 71 2.21 -6.51 -9.92
CA MET A 71 0.86 -5.98 -9.84
C MET A 71 0.00 -6.95 -9.09
N GLN A 72 -0.97 -6.56 -8.30
CA GLN A 72 -1.87 -7.54 -7.70
C GLN A 72 -3.20 -7.44 -8.44
N ASP A 73 -4.14 -8.41 -8.41
CA ASP A 73 -5.31 -8.37 -9.31
C ASP A 73 -6.33 -7.27 -9.09
N ALA A 74 -6.45 -6.56 -7.95
CA ALA A 74 -7.37 -5.44 -7.84
C ALA A 74 -6.82 -4.23 -8.54
N THR A 75 -5.51 -4.13 -8.81
CA THR A 75 -4.99 -2.95 -9.50
C THR A 75 -4.47 -3.32 -10.87
N ALA A 76 -4.15 -4.58 -11.12
CA ALA A 76 -3.62 -5.00 -12.41
C ALA A 76 -4.62 -4.85 -13.52
N GLN A 77 -5.91 -4.89 -13.23
CA GLN A 77 -6.91 -4.77 -14.31
C GLN A 77 -6.86 -3.45 -15.06
N MET A 78 -6.92 -2.35 -14.29
CA MET A 78 -6.87 -1.03 -14.86
C MET A 78 -5.47 -0.70 -15.34
N ALA A 79 -4.39 -1.24 -14.74
CA ALA A 79 -3.05 -1.02 -15.29
C ALA A 79 -2.95 -1.71 -16.66
N MET A 80 -3.41 -2.97 -16.81
CA MET A 80 -3.39 -3.65 -18.07
C MET A 80 -4.35 -3.05 -19.08
N LEU A 81 -5.54 -2.54 -18.74
CA LEU A 81 -6.38 -1.83 -19.70
C LEU A 81 -5.67 -0.58 -20.20
N GLN A 82 -4.93 0.16 -19.35
CA GLN A 82 -4.17 1.29 -19.87
C GLN A 82 -2.99 0.79 -20.71
N PHE A 83 -2.37 -0.36 -20.38
CA PHE A 83 -1.29 -0.88 -21.21
C PHE A 83 -1.83 -1.28 -22.59
N ILE A 84 -3.01 -1.90 -22.63
CA ILE A 84 -3.68 -2.22 -23.88
C ILE A 84 -3.91 -0.91 -24.63
N SER A 85 -4.42 0.23 -24.13
CA SER A 85 -4.50 1.45 -24.94
C SER A 85 -3.17 1.89 -25.49
N SER A 86 -2.03 1.63 -24.85
CA SER A 86 -0.75 2.15 -25.32
C SER A 86 -0.49 1.57 -26.67
N GLY A 87 -0.92 0.33 -26.89
CA GLY A 87 -0.76 -0.32 -28.15
C GLY A 87 0.57 -1.02 -28.20
N LEU A 88 1.39 -0.98 -27.14
CA LEU A 88 2.68 -1.67 -27.14
C LEU A 88 2.57 -3.20 -27.04
N PRO A 89 3.41 -3.97 -27.74
CA PRO A 89 3.25 -5.41 -27.87
C PRO A 89 3.68 -6.28 -26.72
N LYS A 90 4.58 -5.79 -25.88
CA LYS A 90 5.24 -6.62 -24.88
C LYS A 90 5.74 -5.70 -23.77
N VAL A 91 5.78 -6.16 -22.51
CA VAL A 91 6.36 -5.40 -21.40
C VAL A 91 7.88 -5.40 -21.53
N ALA A 92 8.54 -4.32 -21.17
CA ALA A 92 9.98 -4.17 -21.34
C ALA A 92 10.81 -4.71 -20.17
N VAL A 93 10.25 -4.93 -18.96
CA VAL A 93 11.02 -5.40 -17.82
C VAL A 93 10.26 -6.60 -17.24
N PRO A 94 10.86 -7.51 -16.46
CA PRO A 94 10.15 -8.56 -15.70
C PRO A 94 8.94 -8.00 -14.92
N SER A 95 7.72 -8.52 -15.16
CA SER A 95 6.48 -8.06 -14.55
C SER A 95 5.69 -9.26 -14.08
N THR A 96 4.95 -9.21 -12.97
CA THR A 96 4.12 -10.32 -12.53
C THR A 96 2.76 -9.78 -12.12
N ILE A 97 1.74 -10.65 -12.15
CA ILE A 97 0.43 -10.38 -11.61
C ILE A 97 0.19 -11.40 -10.52
N HIS A 98 -0.38 -10.98 -9.41
CA HIS A 98 -0.60 -11.81 -8.24
C HIS A 98 -2.07 -11.78 -7.96
N CYS A 99 -2.77 -12.91 -7.92
CA CYS A 99 -4.21 -12.90 -7.70
C CYS A 99 -4.48 -13.16 -6.27
N ASP A 100 -4.62 -12.11 -5.48
CA ASP A 100 -4.75 -12.22 -4.03
C ASP A 100 -5.85 -11.35 -3.44
N HIS A 101 -6.42 -10.40 -4.17
CA HIS A 101 -7.39 -9.47 -3.59
C HIS A 101 -8.86 -9.81 -3.70
N LEU A 102 -9.21 -10.82 -4.49
CA LEU A 102 -10.61 -11.03 -4.81
C LEU A 102 -11.15 -12.29 -4.19
N ILE A 103 -10.47 -12.87 -3.21
CA ILE A 103 -10.94 -14.07 -2.54
C ILE A 103 -11.55 -13.64 -1.20
N GLU A 104 -12.86 -13.77 -1.19
CA GLU A 104 -13.71 -13.44 -0.07
C GLU A 104 -13.67 -14.50 1.02
N ALA A 105 -13.50 -14.08 2.25
CA ALA A 105 -13.54 -15.01 3.36
C ALA A 105 -14.96 -15.25 3.80
N GLN A 106 -15.29 -16.53 3.95
CA GLN A 106 -16.61 -16.89 4.33
C GLN A 106 -16.58 -18.27 4.98
N LEU A 107 -16.21 -19.29 4.23
CA LEU A 107 -16.19 -20.67 4.64
C LEU A 107 -14.81 -21.15 5.12
N GLY A 108 -13.74 -20.43 4.78
CA GLY A 108 -12.39 -20.83 5.08
C GLY A 108 -11.76 -21.51 3.85
N GLY A 109 -10.43 -21.55 3.92
CA GLY A 109 -9.53 -22.17 2.96
C GLY A 109 -9.91 -22.54 1.52
N GLU A 110 -9.95 -23.86 1.27
CA GLU A 110 -10.23 -24.49 -0.03
C GLU A 110 -11.60 -24.11 -0.58
N LYS A 111 -12.61 -24.10 0.27
CA LYS A 111 -13.96 -23.76 -0.11
C LYS A 111 -13.99 -22.33 -0.60
N ASP A 112 -13.35 -21.39 0.12
CA ASP A 112 -13.35 -20.01 -0.34
C ASP A 112 -12.62 -19.79 -1.63
N LEU A 113 -11.54 -20.56 -1.82
CA LEU A 113 -10.80 -20.46 -3.04
C LEU A 113 -11.56 -20.97 -4.26
N ARG A 114 -12.23 -22.09 -4.10
CA ARG A 114 -13.05 -22.68 -5.17
C ARG A 114 -14.14 -21.72 -5.64
N ARG A 115 -14.85 -21.16 -4.66
CA ARG A 115 -15.89 -20.15 -4.92
C ARG A 115 -15.34 -18.90 -5.60
N ALA A 116 -14.18 -18.36 -5.15
CA ALA A 116 -13.63 -17.18 -5.81
C ALA A 116 -13.27 -17.52 -7.24
N LYS A 117 -12.75 -18.72 -7.52
CA LYS A 117 -12.43 -19.08 -8.90
C LYS A 117 -13.67 -19.12 -9.82
N ASP A 118 -14.80 -19.49 -9.22
CA ASP A 118 -16.05 -19.50 -9.96
C ASP A 118 -16.57 -18.07 -10.14
N ILE A 119 -16.83 -17.37 -9.05
CA ILE A 119 -17.27 -15.98 -9.06
C ILE A 119 -16.40 -15.03 -9.91
N ASN A 120 -15.05 -15.16 -9.85
CA ASN A 120 -14.18 -14.17 -10.48
C ASN A 120 -13.58 -14.65 -11.77
N GLN A 121 -14.15 -15.70 -12.38
CA GLN A 121 -13.60 -16.32 -13.57
C GLN A 121 -13.27 -15.38 -14.71
N GLU A 122 -14.18 -14.44 -14.94
CA GLU A 122 -14.04 -13.43 -16.00
C GLU A 122 -12.77 -12.60 -15.83
N VAL A 123 -12.53 -12.22 -14.58
CA VAL A 123 -11.38 -11.38 -14.25
C VAL A 123 -10.06 -12.17 -14.30
N TYR A 124 -10.05 -13.33 -13.64
CA TYR A 124 -8.85 -14.15 -13.63
C TYR A 124 -8.52 -14.54 -15.05
N ASN A 125 -9.54 -14.76 -15.89
CA ASN A 125 -9.33 -15.09 -17.28
C ASN A 125 -8.72 -13.95 -18.05
N PHE A 126 -9.25 -12.75 -17.81
CA PHE A 126 -8.71 -11.56 -18.43
C PHE A 126 -7.23 -11.40 -18.00
N LEU A 127 -6.91 -11.52 -16.72
CA LEU A 127 -5.52 -11.30 -16.33
C LEU A 127 -4.57 -12.38 -16.84
N ALA A 128 -4.94 -13.68 -16.83
CA ALA A 128 -4.08 -14.74 -17.38
C ALA A 128 -3.84 -14.55 -18.87
N THR A 129 -4.85 -14.10 -19.61
CA THR A 129 -4.72 -13.92 -21.03
C THR A 129 -3.89 -12.69 -21.40
N ALA A 130 -4.15 -11.59 -20.70
CA ALA A 130 -3.38 -10.39 -20.96
C ALA A 130 -1.94 -10.68 -20.53
N GLY A 131 -1.75 -11.49 -19.49
CA GLY A 131 -0.43 -11.92 -19.02
C GLY A 131 0.31 -12.71 -20.09
N ALA A 132 -0.32 -13.77 -20.62
CA ALA A 132 0.27 -14.58 -21.70
C ALA A 132 0.65 -13.77 -22.94
N LYS A 133 -0.20 -12.81 -23.33
CA LYS A 133 0.01 -12.02 -24.51
C LYS A 133 1.13 -11.03 -24.37
N TYR A 134 1.25 -10.30 -23.25
CA TYR A 134 2.25 -9.22 -23.10
C TYR A 134 3.54 -9.60 -22.38
N GLY A 135 3.55 -10.87 -21.97
CA GLY A 135 4.72 -11.49 -21.41
C GLY A 135 4.82 -11.20 -19.93
N VAL A 136 3.71 -11.25 -19.18
CA VAL A 136 3.73 -10.99 -17.77
C VAL A 136 3.53 -12.31 -17.03
N GLY A 137 4.35 -12.69 -16.06
CA GLY A 137 4.17 -13.90 -15.27
C GLY A 137 2.89 -13.81 -14.45
N PHE A 138 2.23 -14.93 -14.16
CA PHE A 138 0.93 -14.92 -13.51
C PHE A 138 0.94 -15.88 -12.36
N TRP A 139 0.64 -15.39 -11.16
CA TRP A 139 0.55 -16.22 -10.00
C TRP A 139 -0.94 -16.34 -9.78
N ARG A 140 -1.42 -17.57 -9.93
CA ARG A 140 -2.82 -17.97 -9.86
C ARG A 140 -3.45 -17.73 -8.50
N PRO A 141 -4.79 -17.60 -8.34
CA PRO A 141 -5.43 -17.48 -7.05
C PRO A 141 -5.06 -18.63 -6.16
N GLY A 142 -4.83 -18.30 -4.89
CA GLY A 142 -4.36 -19.30 -3.94
C GLY A 142 -2.85 -19.21 -3.73
N SER A 143 -2.06 -18.63 -4.66
CA SER A 143 -0.61 -18.56 -4.50
C SER A 143 -0.13 -17.81 -3.29
N GLY A 144 -0.77 -16.68 -2.94
CA GLY A 144 -0.43 -15.92 -1.75
C GLY A 144 -0.56 -14.43 -2.02
N ILE A 145 -0.38 -13.70 -0.90
CA ILE A 145 -0.43 -12.23 -0.91
C ILE A 145 0.78 -11.73 -1.66
N ILE A 146 0.66 -10.74 -2.53
CA ILE A 146 1.68 -10.28 -3.40
C ILE A 146 3.03 -10.07 -2.70
N HIS A 147 3.06 -9.48 -1.51
CA HIS A 147 4.33 -9.11 -0.93
C HIS A 147 5.10 -10.28 -0.39
N GLN A 148 4.41 -11.34 0.08
CA GLN A 148 5.01 -12.54 0.60
C GLN A 148 5.59 -13.31 -0.57
N ILE A 149 4.92 -13.38 -1.72
CA ILE A 149 5.46 -14.01 -2.93
C ILE A 149 6.66 -13.22 -3.41
N ILE A 150 6.66 -11.88 -3.37
CA ILE A 150 7.82 -11.11 -3.78
C ILE A 150 9.00 -11.38 -2.85
N LEU A 151 8.85 -11.43 -1.53
CA LEU A 151 9.98 -11.60 -0.66
C LEU A 151 10.59 -12.96 -0.88
N GLU A 152 9.71 -13.93 -1.10
CA GLU A 152 10.13 -15.30 -1.30
C GLU A 152 10.78 -15.56 -2.62
N ASN A 153 10.53 -14.76 -3.65
CA ASN A 153 10.96 -15.15 -4.99
C ASN A 153 11.65 -14.10 -5.79
N TYR A 154 11.31 -12.83 -5.52
CA TYR A 154 11.74 -11.73 -6.36
C TYR A 154 12.56 -10.57 -5.77
N ALA A 155 12.47 -10.35 -4.47
CA ALA A 155 13.19 -9.26 -3.81
C ALA A 155 14.59 -9.77 -3.51
N TYR A 156 15.60 -8.99 -3.84
CA TYR A 156 16.96 -9.30 -3.42
C TYR A 156 17.69 -8.00 -3.03
N PRO A 157 18.84 -7.97 -2.33
CA PRO A 157 19.60 -6.75 -2.06
C PRO A 157 19.88 -5.82 -3.25
N GLY A 158 19.53 -4.54 -3.22
CA GLY A 158 19.88 -3.65 -4.32
C GLY A 158 18.91 -3.60 -5.50
N VAL A 159 17.78 -4.31 -5.42
CA VAL A 159 16.78 -4.24 -6.49
C VAL A 159 16.02 -2.92 -6.34
N LEU A 160 15.59 -2.35 -7.45
CA LEU A 160 14.64 -1.26 -7.44
C LEU A 160 13.38 -1.90 -8.05
N LEU A 161 12.36 -2.10 -7.26
CA LEU A 161 11.14 -2.73 -7.75
C LEU A 161 9.94 -1.77 -7.56
N ILE A 162 9.03 -1.61 -8.52
CA ILE A 162 7.82 -0.87 -8.24
C ILE A 162 6.60 -1.79 -8.28
N GLY A 163 5.56 -1.53 -7.51
CA GLY A 163 4.43 -2.45 -7.42
C GLY A 163 3.16 -1.62 -7.32
N THR A 164 2.04 -2.04 -7.91
CA THR A 164 0.81 -1.26 -7.81
C THR A 164 0.11 -1.61 -6.51
N ASP A 165 0.75 -1.21 -5.41
CA ASP A 165 0.16 -1.48 -4.12
C ASP A 165 1.02 -0.69 -3.12
N SER A 166 0.44 0.03 -2.21
CA SER A 166 1.17 0.89 -1.31
C SER A 166 1.97 0.07 -0.32
N HIS A 167 1.81 -1.25 -0.11
CA HIS A 167 2.67 -2.00 0.82
C HIS A 167 3.84 -2.73 0.14
N THR A 168 4.19 -2.40 -1.12
CA THR A 168 5.36 -2.88 -1.81
C THR A 168 6.69 -2.62 -1.05
N PRO A 169 6.84 -1.59 -0.20
CA PRO A 169 7.97 -1.44 0.77
C PRO A 169 8.35 -2.63 1.63
N ASN A 170 7.45 -3.62 1.72
CA ASN A 170 7.68 -4.86 2.40
C ASN A 170 9.03 -5.45 1.99
N GLY A 171 9.38 -5.32 0.70
CA GLY A 171 10.59 -5.89 0.13
C GLY A 171 11.88 -5.24 0.62
N GLY A 172 11.79 -4.14 1.39
CA GLY A 172 12.92 -3.49 2.03
C GLY A 172 13.55 -4.34 3.12
N GLY A 173 12.78 -5.34 3.59
CA GLY A 173 13.21 -6.37 4.49
C GLY A 173 14.28 -7.28 3.87
N LEU A 174 14.51 -7.24 2.55
CA LEU A 174 15.59 -7.96 1.91
C LEU A 174 16.53 -6.99 1.19
N GLY A 175 16.55 -5.71 1.61
CA GLY A 175 17.61 -4.81 1.21
C GLY A 175 17.40 -4.12 -0.08
N GLY A 176 16.18 -4.14 -0.61
CA GLY A 176 15.94 -3.49 -1.88
C GLY A 176 15.10 -2.27 -1.65
N ILE A 177 15.06 -1.41 -2.66
CA ILE A 177 14.16 -0.26 -2.66
C ILE A 177 12.88 -0.66 -3.48
N CYS A 178 11.76 -0.83 -2.78
CA CYS A 178 10.51 -1.32 -3.33
C CYS A 178 9.48 -0.25 -3.06
N ILE A 179 8.93 0.34 -4.14
CA ILE A 179 8.10 1.53 -4.05
C ILE A 179 6.72 1.32 -4.65
N GLY A 180 5.71 1.75 -3.91
CA GLY A 180 4.30 1.75 -4.31
C GLY A 180 3.99 2.81 -5.34
N VAL A 181 3.32 2.45 -6.46
CA VAL A 181 2.96 3.38 -7.53
C VAL A 181 1.52 3.04 -7.98
N GLY A 182 0.85 3.94 -8.73
CA GLY A 182 -0.45 3.73 -9.36
C GLY A 182 -0.20 2.99 -10.69
N GLY A 183 -1.23 2.40 -11.28
CA GLY A 183 -1.11 1.62 -12.50
C GLY A 183 -0.50 2.41 -13.66
N ALA A 184 -0.73 3.71 -13.81
CA ALA A 184 -0.14 4.46 -14.91
C ALA A 184 1.39 4.60 -14.81
N ASP A 185 1.95 4.59 -13.60
CA ASP A 185 3.40 4.61 -13.44
C ASP A 185 3.98 3.26 -13.83
N ALA A 186 3.32 2.14 -13.47
CA ALA A 186 3.75 0.80 -13.86
C ALA A 186 3.77 0.67 -15.39
N VAL A 187 2.79 1.28 -16.06
CA VAL A 187 2.69 1.34 -17.53
C VAL A 187 3.90 2.01 -18.13
N ASP A 188 4.34 3.17 -17.60
CA ASP A 188 5.58 3.77 -18.07
C ASP A 188 6.75 2.81 -18.08
N VAL A 189 6.94 2.07 -17.00
CA VAL A 189 8.08 1.19 -16.92
C VAL A 189 7.91 -0.07 -17.79
N MET A 190 6.70 -0.63 -17.84
CA MET A 190 6.44 -1.76 -18.73
C MET A 190 6.59 -1.32 -20.15
N ALA A 191 6.35 -0.05 -20.43
CA ALA A 191 6.53 0.50 -21.74
C ALA A 191 7.99 0.82 -22.01
N GLY A 192 8.93 0.82 -21.06
CA GLY A 192 10.32 1.14 -21.34
C GLY A 192 10.67 2.62 -21.24
N ILE A 193 9.80 3.48 -20.72
CA ILE A 193 10.21 4.86 -20.60
C ILE A 193 10.66 5.17 -19.16
N PRO A 194 11.60 6.12 -18.88
CA PRO A 194 12.08 6.39 -17.52
C PRO A 194 10.98 6.69 -16.50
N TRP A 195 11.02 6.13 -15.30
CA TRP A 195 10.06 6.43 -14.26
C TRP A 195 10.54 7.64 -13.45
N GLU A 196 9.72 8.64 -13.12
CA GLU A 196 10.15 9.79 -12.34
C GLU A 196 9.75 9.71 -10.89
N LEU A 197 10.66 10.03 -9.95
CA LEU A 197 10.35 10.05 -8.53
C LEU A 197 11.00 11.28 -7.93
N LYS A 198 10.30 12.09 -7.12
CA LYS A 198 10.85 13.22 -6.41
C LYS A 198 11.88 12.62 -5.48
N CYS A 199 13.08 13.21 -5.58
CA CYS A 199 14.23 12.79 -4.81
C CYS A 199 13.88 12.78 -3.32
N PRO A 200 13.91 11.66 -2.62
CA PRO A 200 13.48 11.63 -1.24
C PRO A 200 14.45 12.21 -0.20
N LYS A 201 13.89 12.70 0.91
CA LYS A 201 14.64 12.98 2.11
C LYS A 201 14.95 11.63 2.75
N VAL A 202 15.78 11.46 3.76
CA VAL A 202 16.06 10.16 4.33
C VAL A 202 15.93 10.30 5.82
N ILE A 203 15.07 9.55 6.45
CA ILE A 203 14.90 9.57 7.88
C ILE A 203 15.68 8.37 8.33
N GLY A 204 16.66 8.49 9.22
CA GLY A 204 17.40 7.35 9.71
C GLY A 204 16.79 6.95 11.03
N VAL A 205 16.55 5.67 11.27
CA VAL A 205 16.04 5.21 12.53
C VAL A 205 17.12 4.27 13.07
N LYS A 206 17.75 4.63 14.18
CA LYS A 206 18.78 3.80 14.78
C LYS A 206 18.15 2.91 15.82
N LEU A 207 18.38 1.62 15.63
CA LEU A 207 17.87 0.60 16.49
C LEU A 207 19.05 0.18 17.31
N THR A 208 18.72 0.08 18.59
CA THR A 208 19.68 -0.24 19.61
C THR A 208 19.12 -1.39 20.43
N GLY A 209 19.94 -2.14 21.19
CA GLY A 209 19.47 -3.23 22.04
C GLY A 209 19.01 -4.43 21.23
N SER A 210 18.12 -5.23 21.78
CA SER A 210 17.60 -6.33 21.01
C SER A 210 16.19 -6.65 21.47
N LEU A 211 15.35 -7.25 20.63
CA LEU A 211 13.99 -7.55 21.04
C LEU A 211 13.97 -8.67 22.07
N SER A 212 13.05 -8.71 23.01
CA SER A 212 12.94 -9.82 23.94
C SER A 212 11.50 -10.04 24.39
N GLY A 213 11.16 -11.31 24.62
CA GLY A 213 9.88 -11.67 25.17
C GLY A 213 8.78 -11.44 24.18
N TRP A 214 7.77 -10.73 24.67
CA TRP A 214 6.60 -10.47 23.87
C TRP A 214 6.79 -9.42 22.80
N THR A 215 7.84 -8.59 22.88
CA THR A 215 8.01 -7.54 21.89
C THR A 215 8.48 -8.15 20.59
N SER A 216 7.97 -7.65 19.48
CA SER A 216 8.24 -8.29 18.24
C SER A 216 8.56 -7.23 17.23
N PRO A 217 8.96 -7.54 15.99
CA PRO A 217 9.20 -6.52 14.97
C PRO A 217 8.05 -5.54 14.71
N LYS A 218 6.78 -5.97 14.83
CA LYS A 218 5.63 -5.12 14.60
C LYS A 218 5.60 -3.93 15.57
N ASP A 219 6.08 -4.09 16.81
CA ASP A 219 6.11 -3.03 17.83
C ASP A 219 7.00 -1.89 17.47
N VAL A 220 8.09 -2.18 16.76
CA VAL A 220 9.02 -1.17 16.27
C VAL A 220 8.27 -0.26 15.35
N ILE A 221 7.53 -0.77 14.37
CA ILE A 221 6.85 0.15 13.46
C ILE A 221 5.55 0.68 14.10
N LEU A 222 4.90 0.04 15.07
CA LEU A 222 3.76 0.63 15.74
C LEU A 222 4.22 1.85 16.58
N LYS A 223 5.43 1.79 17.16
CA LYS A 223 6.03 2.89 17.90
C LYS A 223 6.46 4.01 16.98
N VAL A 224 7.19 3.75 15.89
CA VAL A 224 7.60 4.74 14.91
C VAL A 224 6.37 5.47 14.41
N ALA A 225 5.26 4.81 14.00
CA ALA A 225 4.03 5.48 13.53
C ALA A 225 3.43 6.41 14.60
N GLY A 226 3.32 6.01 15.87
CA GLY A 226 2.86 6.91 16.89
C GLY A 226 3.81 8.11 17.00
N ILE A 227 5.13 7.99 16.78
CA ILE A 227 6.08 9.08 16.88
C ILE A 227 5.96 10.04 15.71
N LEU A 228 6.11 9.54 14.48
CA LEU A 228 6.08 10.35 13.27
C LEU A 228 4.73 10.85 12.80
N THR A 229 3.67 10.12 13.18
CA THR A 229 2.27 10.28 12.81
C THR A 229 2.08 9.85 11.34
N VAL A 230 0.84 9.74 10.81
CA VAL A 230 0.56 9.30 9.46
C VAL A 230 1.08 10.25 8.39
N LYS A 231 1.39 11.50 8.72
CA LYS A 231 1.95 12.31 7.66
C LYS A 231 3.44 12.58 7.90
N GLY A 232 4.07 12.00 8.92
CA GLY A 232 5.44 12.36 9.23
C GLY A 232 6.45 11.81 8.26
N GLY A 233 6.15 10.77 7.48
CA GLY A 233 7.15 10.21 6.59
C GLY A 233 7.03 10.70 5.19
N THR A 234 6.11 11.61 4.88
CA THR A 234 5.87 12.02 3.49
C THR A 234 7.14 12.55 2.81
N GLY A 235 7.49 12.08 1.59
CA GLY A 235 8.62 12.60 0.83
C GLY A 235 9.96 11.99 1.27
N ALA A 236 9.97 11.08 2.22
CA ALA A 236 11.18 10.49 2.72
C ALA A 236 11.27 8.98 2.60
N ILE A 237 12.48 8.42 2.53
CA ILE A 237 12.68 6.98 2.71
C ILE A 237 13.15 6.77 4.14
N VAL A 238 12.63 5.76 4.82
CA VAL A 238 13.05 5.44 6.17
C VAL A 238 14.14 4.39 6.09
N GLU A 239 15.30 4.68 6.66
CA GLU A 239 16.46 3.81 6.60
C GLU A 239 16.88 3.36 7.99
N TYR A 240 16.69 2.07 8.26
CA TYR A 240 16.99 1.50 9.54
C TYR A 240 18.44 1.12 9.62
N HIS A 241 19.08 1.38 10.76
CA HIS A 241 20.50 1.07 10.92
C HIS A 241 20.79 0.92 12.41
N GLY A 242 22.01 0.61 12.82
CA GLY A 242 22.32 0.48 14.22
C GLY A 242 22.58 -0.98 14.60
N PRO A 243 23.22 -1.24 15.75
CA PRO A 243 23.49 -2.59 16.26
C PRO A 243 22.26 -3.44 16.50
N GLY A 244 21.09 -2.87 16.74
CA GLY A 244 19.91 -3.66 17.01
C GLY A 244 19.38 -4.35 15.77
N VAL A 245 19.73 -3.91 14.58
CA VAL A 245 19.28 -4.48 13.32
C VAL A 245 19.51 -6.00 13.19
N ASP A 246 20.63 -6.51 13.70
CA ASP A 246 20.94 -7.91 13.60
C ASP A 246 20.14 -8.77 14.55
N SER A 247 19.34 -8.17 15.41
CA SER A 247 18.51 -8.91 16.32
C SER A 247 17.20 -9.25 15.61
N ILE A 248 16.91 -8.76 14.39
CA ILE A 248 15.60 -8.94 13.77
C ILE A 248 15.69 -9.94 12.61
N SER A 249 14.71 -10.86 12.45
CA SER A 249 14.70 -11.84 11.36
C SER A 249 14.42 -11.10 10.05
N CYS A 250 14.75 -11.66 8.89
CA CYS A 250 14.39 -11.08 7.60
C CYS A 250 12.89 -10.77 7.44
N THR A 251 11.93 -11.62 7.81
CA THR A 251 10.52 -11.30 7.66
C THR A 251 10.09 -10.27 8.71
N GLY A 252 10.80 -10.21 9.82
CA GLY A 252 10.64 -9.18 10.83
C GLY A 252 11.04 -7.85 10.24
N MET A 253 12.11 -7.77 9.46
CA MET A 253 12.51 -6.54 8.83
C MET A 253 11.50 -6.15 7.79
N ALA A 254 10.95 -7.16 7.10
CA ALA A 254 9.92 -6.89 6.09
C ALA A 254 8.66 -6.34 6.76
N THR A 255 8.23 -6.84 7.95
CA THR A 255 7.13 -6.24 8.69
C THR A 255 7.33 -4.75 8.97
N ILE A 256 8.51 -4.36 9.44
CA ILE A 256 8.77 -2.97 9.79
C ILE A 256 8.75 -2.12 8.52
N CYS A 257 9.38 -2.56 7.43
CA CYS A 257 9.35 -1.77 6.21
C CYS A 257 7.95 -1.64 5.60
N ASN A 258 7.18 -2.75 5.69
CA ASN A 258 5.81 -2.79 5.18
C ASN A 258 4.96 -1.61 5.72
N MET A 259 4.83 -1.55 7.04
CA MET A 259 3.95 -0.58 7.66
C MET A 259 4.44 0.87 7.68
N GLY A 260 5.61 1.11 7.12
CA GLY A 260 6.13 2.46 6.88
C GLY A 260 5.23 3.21 5.94
N ALA A 261 4.39 2.43 5.25
CA ALA A 261 3.38 2.96 4.36
C ALA A 261 2.39 3.81 5.15
N GLU A 262 2.10 3.47 6.39
CA GLU A 262 1.16 4.21 7.19
C GLU A 262 1.64 5.57 7.73
N ILE A 263 2.89 5.92 7.49
CA ILE A 263 3.35 7.25 7.86
C ILE A 263 3.62 8.01 6.57
N GLY A 264 3.30 7.48 5.37
CA GLY A 264 3.44 8.23 4.13
C GLY A 264 4.79 8.19 3.46
N ALA A 265 5.69 7.37 4.01
CA ALA A 265 7.07 7.26 3.55
C ALA A 265 7.13 6.80 2.12
N THR A 266 8.06 7.25 1.26
CA THR A 266 8.20 6.67 -0.05
C THR A 266 8.49 5.15 -0.02
N THR A 267 9.31 4.70 0.94
CA THR A 267 9.60 3.30 1.21
C THR A 267 10.52 3.28 2.43
N SER A 268 10.94 2.10 2.86
CA SER A 268 11.79 1.88 4.00
C SER A 268 12.83 0.85 3.59
N VAL A 269 14.03 0.79 4.16
CA VAL A 269 15.01 -0.23 3.77
C VAL A 269 15.91 -0.54 4.96
N PHE A 270 16.45 -1.76 4.97
CA PHE A 270 17.39 -2.25 5.96
C PHE A 270 18.64 -2.64 5.16
N PRO A 271 19.86 -2.59 5.74
CA PRO A 271 21.11 -2.95 5.05
C PRO A 271 21.31 -4.44 4.97
N TYR A 272 22.02 -4.85 3.93
CA TYR A 272 22.27 -6.27 3.77
C TYR A 272 23.06 -6.82 4.94
N ASN A 273 22.53 -7.86 5.57
CA ASN A 273 23.19 -8.47 6.68
C ASN A 273 23.01 -9.98 6.63
N HIS A 274 23.52 -10.66 7.65
CA HIS A 274 23.53 -12.10 7.68
C HIS A 274 22.13 -12.66 7.88
N ARG A 275 21.10 -12.03 8.46
CA ARG A 275 19.75 -12.61 8.50
C ARG A 275 19.14 -12.66 7.09
N MET A 276 19.45 -11.72 6.21
CA MET A 276 18.98 -11.69 4.86
C MET A 276 19.65 -12.78 4.08
N LYS A 277 20.94 -12.96 4.29
CA LYS A 277 21.71 -13.98 3.61
C LYS A 277 21.10 -15.35 3.86
N LYS A 278 20.72 -15.53 5.11
CA LYS A 278 20.14 -16.77 5.60
C LYS A 278 18.80 -17.06 4.93
N TYR A 279 17.94 -16.06 4.89
CA TYR A 279 16.64 -16.19 4.27
C TYR A 279 16.82 -16.45 2.78
N LEU A 280 17.73 -15.79 2.05
CA LEU A 280 18.00 -16.06 0.65
C LEU A 280 18.42 -17.49 0.45
N SER A 281 19.27 -18.05 1.29
CA SER A 281 19.68 -19.42 1.16
C SER A 281 18.56 -20.39 1.43
N LYS A 282 17.73 -20.17 2.43
CA LYS A 282 16.60 -21.06 2.69
C LYS A 282 15.52 -20.86 1.64
N THR A 283 15.52 -19.85 0.77
CA THR A 283 14.52 -19.76 -0.26
C THR A 283 15.11 -20.04 -1.62
N GLY A 284 16.12 -20.91 -1.65
CA GLY A 284 16.73 -21.33 -2.89
C GLY A 284 17.59 -20.30 -3.58
N ARG A 285 18.08 -19.24 -2.95
CA ARG A 285 18.81 -18.19 -3.64
C ARG A 285 20.18 -17.89 -3.02
N ALA A 286 20.89 -18.97 -2.63
CA ALA A 286 22.24 -18.92 -2.10
C ALA A 286 23.21 -18.29 -3.08
N ASP A 287 23.08 -18.47 -4.40
CA ASP A 287 23.93 -17.80 -5.36
C ASP A 287 23.78 -16.28 -5.34
N ILE A 288 22.56 -15.75 -5.07
CA ILE A 288 22.28 -14.31 -4.98
C ILE A 288 22.91 -13.83 -3.68
N ALA A 289 22.82 -14.55 -2.54
CA ALA A 289 23.50 -14.17 -1.29
C ALA A 289 25.00 -14.10 -1.48
N ASN A 290 25.55 -15.04 -2.23
CA ASN A 290 26.97 -15.09 -2.51
C ASN A 290 27.36 -13.91 -3.35
N LEU A 291 26.59 -13.55 -4.37
CA LEU A 291 26.93 -12.38 -5.17
C LEU A 291 26.78 -11.09 -4.35
N ALA A 292 25.76 -10.96 -3.50
CA ALA A 292 25.56 -9.77 -2.68
C ALA A 292 26.72 -9.67 -1.70
N ASP A 293 27.29 -10.78 -1.17
CA ASP A 293 28.51 -10.72 -0.36
C ASP A 293 29.69 -10.11 -1.11
N GLU A 294 29.88 -10.38 -2.39
CA GLU A 294 30.94 -9.75 -3.12
C GLU A 294 30.65 -8.28 -3.38
N PHE A 295 29.39 -7.83 -3.36
CA PHE A 295 29.07 -6.43 -3.58
C PHE A 295 28.58 -5.68 -2.35
N LYS A 296 28.77 -6.27 -1.19
CA LYS A 296 28.35 -5.84 0.13
C LYS A 296 28.59 -4.36 0.42
N ASP A 297 29.67 -3.77 -0.08
CA ASP A 297 29.90 -2.36 0.14
C ASP A 297 28.85 -1.42 -0.36
N HIS A 298 28.27 -1.80 -1.48
CA HIS A 298 27.25 -1.00 -2.14
C HIS A 298 25.87 -1.29 -1.58
N LEU A 299 25.78 -2.22 -0.60
CA LEU A 299 24.51 -2.68 -0.05
C LEU A 299 24.35 -2.34 1.44
N VAL A 300 25.25 -1.48 1.96
CA VAL A 300 25.19 -0.96 3.32
C VAL A 300 25.39 0.54 3.20
N PRO A 301 25.01 1.41 4.16
CA PRO A 301 25.26 2.86 4.05
C PRO A 301 26.74 3.21 4.16
N ASP A 302 27.14 4.31 3.52
CA ASP A 302 28.49 4.81 3.64
C ASP A 302 28.73 5.27 5.05
N PRO A 303 29.95 5.13 5.63
CA PRO A 303 30.30 5.69 6.92
C PRO A 303 30.03 7.17 6.94
N GLY A 304 29.30 7.55 7.98
CA GLY A 304 29.00 8.93 8.24
C GLY A 304 28.04 9.59 7.26
N CYS A 305 27.09 8.85 6.72
CA CYS A 305 26.12 9.46 5.82
C CYS A 305 25.11 10.34 6.60
N HIS A 306 24.57 11.38 5.98
CA HIS A 306 23.63 12.26 6.63
C HIS A 306 22.15 11.95 6.43
N TYR A 307 21.47 11.70 7.53
CA TYR A 307 20.03 11.57 7.58
C TYR A 307 19.39 12.93 7.85
N ASP A 308 18.24 13.24 7.27
CA ASP A 308 17.59 14.50 7.49
C ASP A 308 16.89 14.53 8.82
N GLN A 309 16.66 13.38 9.41
CA GLN A 309 16.05 13.31 10.72
C GLN A 309 16.53 12.00 11.28
N VAL A 310 16.84 11.88 12.56
CA VAL A 310 17.22 10.62 13.13
C VAL A 310 16.29 10.36 14.27
N ILE A 311 15.86 9.11 14.41
CA ILE A 311 15.05 8.70 15.54
C ILE A 311 15.80 7.54 16.09
N GLU A 312 15.83 7.34 17.40
CA GLU A 312 16.54 6.22 17.96
C GLU A 312 15.55 5.44 18.79
N ILE A 313 15.54 4.12 18.60
CA ILE A 313 14.68 3.25 19.36
C ILE A 313 15.54 2.13 19.95
N ASN A 314 15.30 2.01 21.24
CA ASN A 314 15.96 1.01 22.02
C ASN A 314 14.98 -0.13 22.12
N LEU A 315 15.35 -1.17 21.39
CA LEU A 315 14.60 -2.38 21.24
C LEU A 315 14.44 -3.07 22.55
N SER A 316 15.43 -3.01 23.46
CA SER A 316 15.34 -3.65 24.76
C SER A 316 14.33 -3.00 25.70
N GLU A 317 14.01 -1.71 25.53
CA GLU A 317 12.99 -1.05 26.33
C GLU A 317 11.60 -1.05 25.69
N LEU A 318 11.51 -1.46 24.41
CA LEU A 318 10.25 -1.45 23.74
C LEU A 318 9.30 -2.51 24.29
N LYS A 319 8.08 -2.05 24.48
CA LYS A 319 7.01 -2.88 24.99
C LYS A 319 5.96 -3.18 23.93
N PRO A 320 5.20 -4.26 24.01
CA PRO A 320 4.08 -4.54 23.10
C PRO A 320 3.08 -3.39 22.90
N HIS A 321 2.75 -3.04 21.63
CA HIS A 321 1.87 -1.95 21.27
C HIS A 321 0.61 -2.43 20.56
N ILE A 322 -0.44 -1.62 20.56
CA ILE A 322 -1.67 -1.85 19.84
C ILE A 322 -2.15 -0.46 19.43
N ASN A 323 -2.32 -0.31 18.12
CA ASN A 323 -2.69 0.98 17.58
C ASN A 323 -4.12 1.09 17.06
N GLY A 324 -4.74 2.26 17.19
CA GLY A 324 -6.09 2.48 16.72
C GLY A 324 -7.00 2.96 17.85
N PRO A 325 -8.29 3.23 17.68
CA PRO A 325 -9.08 2.73 16.62
C PRO A 325 -9.30 3.37 15.28
N PHE A 326 -9.02 4.52 14.72
CA PHE A 326 -9.45 4.65 13.29
C PHE A 326 -8.35 5.18 12.36
N THR A 327 -7.19 5.26 13.02
CA THR A 327 -5.92 5.70 12.49
C THR A 327 -4.93 4.67 12.99
N PRO A 328 -3.92 4.37 12.17
CA PRO A 328 -2.83 3.48 12.60
C PRO A 328 -1.77 4.18 13.49
N ASP A 329 -1.82 5.50 13.76
CA ASP A 329 -0.83 6.17 14.57
C ASP A 329 -1.34 6.54 15.95
N LEU A 330 -2.50 6.05 16.37
CA LEU A 330 -2.95 6.32 17.71
C LEU A 330 -2.29 5.15 18.43
N ALA A 331 -1.10 5.27 19.05
CA ALA A 331 -0.41 4.12 19.62
C ALA A 331 -0.59 3.93 21.09
N HIS A 332 -0.83 2.74 21.62
CA HIS A 332 -1.03 2.57 23.06
C HIS A 332 -0.15 1.40 23.41
N PRO A 333 0.49 1.31 24.57
CA PRO A 333 1.06 0.05 25.02
C PRO A 333 -0.09 -0.89 25.31
N VAL A 334 0.12 -2.19 25.11
CA VAL A 334 -0.95 -3.17 25.36
C VAL A 334 -1.38 -3.06 26.83
N ALA A 335 -0.44 -2.81 27.73
CA ALA A 335 -0.74 -2.63 29.15
C ALA A 335 -1.70 -1.48 29.42
N GLU A 336 -1.88 -0.49 28.55
CA GLU A 336 -2.83 0.56 28.83
C GLU A 336 -4.04 0.63 27.94
N VAL A 337 -4.11 -0.12 26.85
CA VAL A 337 -5.26 0.00 25.97
C VAL A 337 -6.55 -0.35 26.72
N GLY A 338 -6.52 -1.27 27.69
CA GLY A 338 -7.70 -1.62 28.48
C GLY A 338 -8.34 -0.44 29.20
N SER A 339 -7.52 0.49 29.67
CA SER A 339 -8.01 1.64 30.41
C SER A 339 -8.36 2.81 29.51
N VAL A 340 -7.62 3.03 28.43
CA VAL A 340 -7.95 4.10 27.50
C VAL A 340 -9.27 3.75 26.82
N ALA A 341 -9.49 2.48 26.48
CA ALA A 341 -10.72 2.07 25.83
C ALA A 341 -11.94 2.38 26.69
N GLU A 342 -11.80 2.00 27.94
CA GLU A 342 -12.80 2.19 28.98
C GLU A 342 -13.13 3.67 29.10
N LYS A 343 -12.10 4.49 29.22
CA LYS A 343 -12.28 5.94 29.26
C LYS A 343 -12.92 6.50 28.00
N GLU A 344 -12.49 6.05 26.81
CA GLU A 344 -12.97 6.62 25.57
C GLU A 344 -14.27 6.04 25.03
N GLY A 345 -14.81 5.00 25.66
CA GLY A 345 -16.03 4.37 25.17
C GLY A 345 -15.80 3.46 23.97
N TRP A 346 -14.59 2.91 23.86
CA TRP A 346 -14.31 1.91 22.85
C TRP A 346 -14.74 0.57 23.40
N PRO A 347 -15.48 -0.29 22.66
CA PRO A 347 -15.97 -1.59 23.15
C PRO A 347 -14.81 -2.45 23.62
N LEU A 348 -14.95 -3.06 24.79
CA LEU A 348 -13.87 -3.84 25.36
C LEU A 348 -13.82 -5.29 24.95
N ASP A 349 -14.96 -5.91 24.66
CA ASP A 349 -14.99 -7.30 24.32
C ASP A 349 -14.67 -7.33 22.84
N ILE A 350 -13.79 -8.30 22.55
CA ILE A 350 -13.25 -8.47 21.22
C ILE A 350 -14.12 -9.50 20.53
N ARG A 351 -14.63 -9.13 19.37
CA ARG A 351 -15.51 -10.02 18.64
C ARG A 351 -14.70 -11.02 17.84
N VAL A 352 -13.75 -10.49 17.04
CA VAL A 352 -12.91 -11.29 16.16
C VAL A 352 -11.44 -10.85 16.30
N GLY A 353 -10.54 -11.83 16.29
CA GLY A 353 -9.10 -11.64 16.26
C GLY A 353 -8.60 -12.18 14.93
N LEU A 354 -7.91 -11.39 14.13
CA LEU A 354 -7.50 -11.80 12.79
C LEU A 354 -6.00 -11.74 12.56
N ILE A 355 -5.26 -12.83 12.34
CA ILE A 355 -3.85 -12.73 12.02
C ILE A 355 -3.66 -12.96 10.53
N GLY A 356 -2.67 -12.24 10.02
CA GLY A 356 -2.35 -12.28 8.64
C GLY A 356 -2.04 -10.90 8.07
N SER A 357 -2.44 -10.77 6.81
CA SER A 357 -2.11 -9.69 5.87
C SER A 357 -0.61 -9.81 5.51
N CYS A 358 -0.20 -9.00 4.55
CA CYS A 358 1.19 -8.94 4.13
C CYS A 358 2.12 -8.46 5.26
N THR A 359 1.61 -7.79 6.30
CA THR A 359 2.43 -7.22 7.35
C THR A 359 2.82 -8.31 8.30
N ASN A 360 2.02 -9.35 8.49
CA ASN A 360 2.31 -10.31 9.52
C ASN A 360 1.75 -11.67 9.21
N SER A 361 2.25 -12.29 8.17
CA SER A 361 1.81 -13.61 7.78
C SER A 361 2.89 -14.61 7.48
N SER A 362 4.10 -14.37 8.01
CA SER A 362 5.23 -15.22 7.72
C SER A 362 5.25 -16.48 8.52
N TYR A 363 6.14 -17.43 8.21
CA TYR A 363 6.33 -18.63 9.02
C TYR A 363 6.58 -18.39 10.51
N GLU A 364 7.42 -17.36 10.77
CA GLU A 364 7.74 -16.99 12.13
C GLU A 364 6.54 -16.40 12.87
N ASP A 365 5.73 -15.57 12.21
CA ASP A 365 4.53 -15.03 12.79
C ASP A 365 3.57 -16.14 13.12
N MET A 366 3.43 -17.14 12.22
CA MET A 366 2.55 -18.28 12.49
C MET A 366 3.13 -19.13 13.61
N GLY A 367 4.44 -19.34 13.70
CA GLY A 367 5.07 -20.07 14.80
C GLY A 367 4.91 -19.37 16.13
N ARG A 368 5.10 -18.04 16.18
CA ARG A 368 4.95 -17.30 17.41
C ARG A 368 3.47 -17.33 17.84
N SER A 369 2.47 -17.11 16.96
CA SER A 369 1.07 -17.26 17.35
C SER A 369 0.78 -18.68 17.85
N ALA A 370 1.31 -19.72 17.20
CA ALA A 370 1.07 -21.10 17.61
C ALA A 370 1.64 -21.37 18.99
N ALA A 371 2.74 -20.70 19.33
CA ALA A 371 3.36 -20.88 20.61
C ALA A 371 2.51 -20.38 21.77
N VAL A 372 1.71 -19.34 21.55
CA VAL A 372 0.78 -18.81 22.56
C VAL A 372 -0.42 -19.76 22.70
N ALA A 373 -0.93 -20.13 21.53
CA ALA A 373 -2.04 -21.05 21.43
C ALA A 373 -1.72 -22.38 22.08
N LYS A 374 -0.53 -23.02 21.95
CA LYS A 374 -0.32 -24.32 22.59
C LYS A 374 -0.38 -24.22 24.10
N GLN A 375 0.00 -23.08 24.68
CA GLN A 375 -0.10 -22.88 26.11
C GLN A 375 -1.55 -22.86 26.59
N ALA A 376 -2.46 -22.21 25.81
CA ALA A 376 -3.88 -22.16 26.14
C ALA A 376 -4.49 -23.56 26.08
N LEU A 377 -4.13 -24.26 25.01
CA LEU A 377 -4.53 -25.64 24.80
C LEU A 377 -4.08 -26.55 25.91
N ALA A 378 -2.85 -26.42 26.40
CA ALA A 378 -2.35 -27.19 27.52
C ALA A 378 -3.16 -26.96 28.80
N HIS A 379 -3.92 -25.86 28.89
CA HIS A 379 -4.81 -25.64 30.04
C HIS A 379 -6.30 -25.89 29.76
N GLY A 380 -6.60 -26.43 28.57
CA GLY A 380 -7.95 -26.74 28.17
C GLY A 380 -8.74 -25.51 27.80
N LEU A 381 -8.10 -24.50 27.24
CA LEU A 381 -8.82 -23.32 26.84
C LEU A 381 -8.84 -23.23 25.33
N LYS A 382 -9.76 -22.42 24.78
CA LYS A 382 -9.88 -22.11 23.36
C LYS A 382 -10.23 -20.64 23.32
N CYS A 383 -10.18 -20.05 22.14
CA CYS A 383 -10.52 -18.66 21.93
C CYS A 383 -11.92 -18.31 22.37
N LYS A 384 -12.04 -17.16 23.05
CA LYS A 384 -13.34 -16.65 23.43
C LYS A 384 -13.79 -15.87 22.22
N SER A 385 -12.91 -15.14 21.53
CA SER A 385 -13.31 -14.44 20.32
C SER A 385 -13.22 -15.41 19.14
N GLN A 386 -13.83 -15.01 18.04
CA GLN A 386 -13.70 -15.70 16.77
C GLN A 386 -12.24 -15.43 16.35
N PHE A 387 -11.61 -16.32 15.61
CA PHE A 387 -10.22 -16.18 15.32
C PHE A 387 -9.95 -16.63 13.89
N THR A 388 -9.43 -15.76 13.03
CA THR A 388 -9.11 -16.20 11.69
C THR A 388 -7.61 -16.10 11.45
N ILE A 389 -7.06 -16.92 10.54
CA ILE A 389 -5.65 -17.00 10.26
C ILE A 389 -5.46 -17.01 8.76
N THR A 390 -4.72 -16.06 8.18
CA THR A 390 -4.42 -16.03 6.75
C THR A 390 -2.93 -16.38 6.60
N PRO A 391 -2.46 -17.50 6.02
CA PRO A 391 -1.06 -17.73 5.66
C PRO A 391 -0.72 -16.78 4.51
N GLY A 392 0.49 -16.24 4.51
CA GLY A 392 0.86 -15.30 3.48
C GLY A 392 1.07 -15.91 2.12
N SER A 393 1.40 -17.22 1.97
CA SER A 393 1.64 -17.77 0.65
C SER A 393 1.40 -19.27 0.69
N GLU A 394 1.46 -19.97 -0.43
CA GLU A 394 1.27 -21.41 -0.48
C GLU A 394 2.36 -22.20 0.18
N GLN A 395 3.59 -21.72 -0.03
CA GLN A 395 4.76 -22.25 0.65
C GLN A 395 4.63 -22.16 2.17
N ILE A 396 4.22 -21.02 2.74
CA ILE A 396 3.98 -20.92 4.18
C ILE A 396 2.80 -21.79 4.57
N ARG A 397 1.63 -21.79 3.89
CA ARG A 397 0.55 -22.69 4.27
C ARG A 397 1.03 -24.15 4.29
N ALA A 398 1.71 -24.64 3.25
CA ALA A 398 2.20 -26.02 3.19
C ALA A 398 3.20 -26.33 4.31
N THR A 399 4.15 -25.44 4.57
CA THR A 399 5.11 -25.64 5.64
C THR A 399 4.49 -25.51 7.04
N ILE A 400 3.63 -24.54 7.38
CA ILE A 400 3.09 -24.50 8.74
C ILE A 400 2.18 -25.69 9.02
N GLU A 401 1.65 -26.25 7.94
CA GLU A 401 0.80 -27.42 8.02
C GLU A 401 1.69 -28.59 8.38
N ARG A 402 2.78 -28.69 7.62
CA ARG A 402 3.77 -29.72 7.85
C ARG A 402 4.40 -29.63 9.23
N ASP A 403 4.76 -28.44 9.70
CA ASP A 403 5.48 -28.36 10.93
C ASP A 403 4.58 -28.29 12.12
N GLY A 404 3.29 -28.41 11.90
CA GLY A 404 2.37 -28.55 13.01
C GLY A 404 1.71 -27.28 13.53
N TYR A 405 1.99 -26.10 12.98
CA TYR A 405 1.40 -24.90 13.55
C TYR A 405 -0.06 -24.73 13.20
N ALA A 406 -0.46 -25.07 11.96
CA ALA A 406 -1.84 -24.88 11.55
C ALA A 406 -2.83 -25.70 12.40
N GLN A 407 -2.48 -26.94 12.75
CA GLN A 407 -3.34 -27.73 13.61
C GLN A 407 -3.50 -27.17 15.02
N VAL A 408 -2.48 -26.58 15.66
CA VAL A 408 -2.62 -25.95 16.97
C VAL A 408 -3.61 -24.80 16.91
N LEU A 409 -3.51 -24.02 15.84
CA LEU A 409 -4.34 -22.86 15.64
C LEU A 409 -5.74 -23.32 15.34
N ARG A 410 -5.94 -24.39 14.57
CA ARG A 410 -7.27 -24.94 14.41
C ARG A 410 -7.78 -25.42 15.75
N ASP A 411 -6.98 -26.10 16.56
CA ASP A 411 -7.47 -26.62 17.81
C ASP A 411 -7.85 -25.57 18.84
N VAL A 412 -7.24 -24.37 18.89
CA VAL A 412 -7.70 -23.33 19.84
C VAL A 412 -8.97 -22.68 19.32
N GLY A 413 -9.42 -22.96 18.10
CA GLY A 413 -10.69 -22.42 17.62
C GLY A 413 -10.56 -21.51 16.42
N GLY A 414 -9.45 -21.48 15.68
CA GLY A 414 -9.29 -20.60 14.53
C GLY A 414 -9.69 -21.26 13.21
N ILE A 415 -10.04 -20.40 12.26
CA ILE A 415 -10.39 -20.85 10.94
C ILE A 415 -9.27 -20.33 10.03
N VAL A 416 -8.66 -21.25 9.26
CA VAL A 416 -7.61 -20.89 8.33
C VAL A 416 -8.28 -20.50 7.02
N LEU A 417 -7.96 -19.29 6.59
CA LEU A 417 -8.50 -18.69 5.38
C LEU A 417 -7.59 -18.91 4.19
N ALA A 418 -8.08 -18.74 2.97
CA ALA A 418 -7.22 -18.82 1.81
C ALA A 418 -6.00 -17.86 1.90
N ASN A 419 -4.91 -18.10 1.14
CA ASN A 419 -3.68 -17.32 1.13
C ASN A 419 -4.02 -16.11 0.31
N ALA A 420 -4.73 -15.13 0.92
CA ALA A 420 -5.23 -13.93 0.24
C ALA A 420 -5.51 -12.80 1.24
N CYS A 421 -5.66 -11.56 0.75
CA CYS A 421 -5.94 -10.40 1.57
C CYS A 421 -7.14 -10.58 2.44
N GLY A 422 -8.25 -10.95 1.78
CA GLY A 422 -9.44 -11.31 2.55
C GLY A 422 -9.97 -10.19 3.44
N PRO A 423 -10.24 -10.41 4.73
CA PRO A 423 -10.78 -9.40 5.63
C PRO A 423 -9.97 -8.12 5.65
N CYS A 424 -8.66 -8.12 5.31
CA CYS A 424 -7.91 -6.88 5.24
C CYS A 424 -8.45 -5.92 4.19
N ILE A 425 -8.97 -6.20 2.98
CA ILE A 425 -9.55 -5.12 2.16
C ILE A 425 -11.09 -5.24 2.17
N GLY A 426 -11.66 -5.84 3.22
CA GLY A 426 -13.08 -5.95 3.36
C GLY A 426 -13.66 -7.10 2.58
N GLN A 427 -12.89 -8.11 2.14
CA GLN A 427 -13.41 -9.26 1.39
C GLN A 427 -13.68 -10.31 2.44
N TRP A 428 -14.79 -10.07 3.12
CA TRP A 428 -15.16 -10.82 4.28
C TRP A 428 -16.67 -10.82 4.36
N ASP A 429 -17.31 -11.98 4.44
CA ASP A 429 -18.74 -12.06 4.60
C ASP A 429 -19.01 -12.20 6.09
N ARG A 430 -19.03 -11.04 6.75
CA ARG A 430 -19.19 -10.90 8.20
C ARG A 430 -20.65 -10.75 8.68
N LYS A 431 -21.12 -11.65 9.53
CA LYS A 431 -22.53 -11.59 9.89
C LYS A 431 -22.87 -11.61 11.34
N ASP A 432 -21.82 -11.66 12.17
CA ASP A 432 -21.99 -11.63 13.62
C ASP A 432 -22.41 -10.27 14.14
N ILE A 433 -22.37 -9.17 13.40
CA ILE A 433 -22.79 -7.86 13.91
C ILE A 433 -23.86 -7.34 12.97
N LYS A 434 -24.78 -6.48 13.39
CA LYS A 434 -25.75 -5.89 12.48
C LYS A 434 -25.05 -4.71 11.84
N LYS A 435 -25.53 -4.08 10.77
CA LYS A 435 -24.76 -2.94 10.29
C LYS A 435 -24.98 -1.79 11.27
N GLY A 436 -23.93 -0.97 11.42
CA GLY A 436 -23.92 0.13 12.36
C GLY A 436 -23.74 -0.38 13.79
N GLU A 437 -23.48 -1.65 14.07
CA GLU A 437 -23.29 -2.06 15.45
C GLU A 437 -21.86 -1.76 15.92
N LYS A 438 -21.74 -1.11 17.06
CA LYS A 438 -20.47 -0.75 17.65
C LYS A 438 -19.80 -2.01 18.22
N ASN A 439 -18.56 -2.27 17.78
CA ASN A 439 -17.86 -3.49 18.22
C ASN A 439 -16.37 -3.35 18.00
N THR A 440 -15.59 -4.23 18.61
CA THR A 440 -14.15 -4.19 18.51
C THR A 440 -13.56 -5.46 17.93
N ILE A 441 -12.72 -5.29 16.90
CA ILE A 441 -11.91 -6.39 16.39
C ILE A 441 -10.40 -6.05 16.50
N VAL A 442 -9.51 -7.01 16.75
CA VAL A 442 -8.08 -6.72 16.77
C VAL A 442 -7.41 -7.57 15.71
N THR A 443 -6.54 -6.93 14.91
CA THR A 443 -5.89 -7.58 13.78
C THR A 443 -4.37 -7.51 13.82
N SER A 444 -3.61 -8.30 13.08
CA SER A 444 -2.21 -8.04 12.91
C SER A 444 -2.02 -7.41 11.54
N TYR A 445 -2.93 -6.52 11.15
CA TYR A 445 -2.87 -5.86 9.84
C TYR A 445 -2.11 -4.55 9.97
N ASN A 446 -2.45 -3.52 9.20
CA ASN A 446 -1.75 -2.27 9.18
C ASN A 446 -2.70 -1.07 9.17
N ARG A 447 -3.64 -0.86 8.24
CA ARG A 447 -4.57 0.25 8.30
C ARG A 447 -5.80 -0.23 9.03
N ASN A 448 -6.61 0.73 9.54
CA ASN A 448 -7.79 0.44 10.35
C ASN A 448 -8.78 1.59 10.20
N PHE A 449 -8.76 2.12 8.98
CA PHE A 449 -9.65 3.18 8.58
C PHE A 449 -11.11 2.77 8.61
N THR A 450 -12.03 3.73 8.81
CA THR A 450 -13.50 3.55 8.90
C THR A 450 -14.08 2.66 7.82
N GLY A 451 -14.80 1.62 8.26
CA GLY A 451 -15.46 0.62 7.44
C GLY A 451 -14.59 -0.16 6.47
N ARG A 452 -13.27 -0.25 6.67
CA ARG A 452 -12.39 -0.94 5.73
C ARG A 452 -12.45 -2.46 5.84
N ASN A 453 -12.70 -3.05 6.99
CA ASN A 453 -12.69 -4.50 7.09
C ASN A 453 -14.03 -5.16 6.88
N ASP A 454 -15.10 -4.41 7.14
CA ASP A 454 -16.44 -4.99 7.10
C ASP A 454 -17.51 -4.00 6.69
N ALA A 455 -17.10 -2.90 6.08
CA ALA A 455 -17.98 -1.81 5.68
C ALA A 455 -18.85 -1.29 6.80
N ASN A 456 -18.59 -1.61 8.08
CA ASN A 456 -19.38 -1.07 9.14
C ASN A 456 -18.57 0.09 9.73
N PRO A 457 -18.94 1.36 9.56
CA PRO A 457 -18.27 2.47 10.22
C PRO A 457 -18.15 2.43 11.74
N GLU A 458 -18.95 1.67 12.50
CA GLU A 458 -18.73 1.67 13.92
C GLU A 458 -17.93 0.49 14.40
N THR A 459 -17.22 -0.17 13.49
CA THR A 459 -16.30 -1.22 13.91
C THR A 459 -15.01 -0.54 14.33
N HIS A 460 -14.53 -0.85 15.52
CA HIS A 460 -13.33 -0.26 16.10
C HIS A 460 -12.23 -1.27 15.84
N ALA A 461 -11.31 -1.03 14.90
CA ALA A 461 -10.25 -1.99 14.63
C ALA A 461 -8.88 -1.51 15.16
N PHE A 462 -8.21 -2.36 15.93
CA PHE A 462 -6.91 -2.11 16.53
C PHE A 462 -5.88 -3.03 15.85
N VAL A 463 -4.71 -2.54 15.42
CA VAL A 463 -3.69 -3.39 14.80
C VAL A 463 -2.57 -3.63 15.81
N THR A 464 -2.06 -4.86 15.86
CA THR A 464 -1.03 -5.28 16.76
C THR A 464 -0.19 -6.44 16.14
N SER A 465 0.63 -7.14 16.91
CA SER A 465 1.42 -8.28 16.46
C SER A 465 0.58 -9.57 16.48
N PRO A 466 0.87 -10.59 15.67
CA PRO A 466 0.10 -11.83 15.66
C PRO A 466 0.03 -12.54 17.01
N GLU A 467 1.07 -12.61 17.82
CA GLU A 467 1.05 -13.26 19.12
C GLU A 467 0.21 -12.48 20.11
N ILE A 468 0.09 -11.15 19.99
CA ILE A 468 -0.78 -10.42 20.89
C ILE A 468 -2.23 -10.64 20.42
N VAL A 469 -2.57 -10.70 19.10
CA VAL A 469 -3.94 -11.02 18.67
C VAL A 469 -4.31 -12.38 19.27
N THR A 470 -3.43 -13.39 19.19
CA THR A 470 -3.75 -14.70 19.74
C THR A 470 -4.06 -14.67 21.24
N ALA A 471 -3.26 -13.95 22.02
CA ALA A 471 -3.48 -13.83 23.46
C ALA A 471 -4.78 -13.07 23.76
N LEU A 472 -5.07 -11.96 23.08
CA LEU A 472 -6.30 -11.22 23.30
C LEU A 472 -7.52 -11.98 22.78
N ALA A 473 -7.39 -12.85 21.78
CA ALA A 473 -8.50 -13.65 21.27
C ALA A 473 -8.84 -14.77 22.24
N ILE A 474 -7.84 -15.31 22.94
CA ILE A 474 -8.04 -16.29 23.99
C ILE A 474 -8.71 -15.63 25.20
N ALA A 475 -8.34 -14.39 25.58
CA ALA A 475 -8.99 -13.72 26.69
C ALA A 475 -10.31 -13.08 26.27
N GLY A 476 -10.39 -12.62 25.03
CA GLY A 476 -11.63 -12.08 24.48
C GLY A 476 -11.95 -10.68 24.96
N THR A 477 -11.00 -10.02 25.61
CA THR A 477 -11.20 -8.69 26.08
C THR A 477 -9.89 -7.92 25.93
N LEU A 478 -10.06 -6.65 25.57
CA LEU A 478 -8.98 -5.69 25.48
C LEU A 478 -8.35 -5.43 26.85
N LYS A 479 -9.11 -5.63 27.94
CA LYS A 479 -8.62 -5.50 29.30
C LYS A 479 -7.79 -6.70 29.69
N PHE A 480 -6.88 -7.16 28.85
CA PHE A 480 -6.05 -8.27 29.23
C PHE A 480 -4.67 -7.88 28.77
N ASN A 481 -3.71 -7.98 29.67
CA ASN A 481 -2.34 -7.75 29.32
C ASN A 481 -1.62 -9.10 29.44
N PRO A 482 -1.15 -9.73 28.34
CA PRO A 482 -0.49 -11.03 28.33
C PRO A 482 0.72 -11.11 29.23
N GLU A 483 1.41 -9.96 29.40
CA GLU A 483 2.60 -9.91 30.22
C GLU A 483 2.28 -10.05 31.67
N THR A 484 1.19 -9.48 32.16
CA THR A 484 0.96 -9.48 33.59
C THR A 484 -0.10 -10.42 34.14
N ASP A 485 -1.17 -10.56 33.35
CA ASP A 485 -2.38 -11.19 33.83
C ASP A 485 -2.49 -12.68 33.66
N PHE A 486 -3.43 -13.19 34.44
CA PHE A 486 -3.71 -14.61 34.60
C PHE A 486 -4.95 -15.09 33.89
N LEU A 487 -4.88 -16.24 33.23
CA LEU A 487 -6.05 -16.88 32.71
C LEU A 487 -6.38 -18.01 33.69
N THR A 488 -7.57 -18.58 33.63
CA THR A 488 -7.96 -19.66 34.52
C THR A 488 -8.12 -20.89 33.64
N GLY A 489 -7.36 -21.96 33.78
CA GLY A 489 -7.55 -23.16 33.00
C GLY A 489 -8.83 -23.89 33.40
N LYS A 490 -9.02 -24.98 32.66
CA LYS A 490 -10.15 -25.88 32.83
C LYS A 490 -10.20 -26.49 34.24
N ASP A 491 -8.99 -26.85 34.67
CA ASP A 491 -8.65 -27.47 35.93
C ASP A 491 -8.83 -26.57 37.14
N GLY A 492 -9.19 -25.30 36.96
CA GLY A 492 -9.35 -24.38 38.07
C GLY A 492 -8.09 -23.58 38.38
N LYS A 493 -6.91 -23.87 37.81
CA LYS A 493 -5.74 -23.07 38.12
C LYS A 493 -5.51 -21.87 37.21
N LYS A 494 -5.02 -20.82 37.88
CA LYS A 494 -4.62 -19.56 37.26
C LYS A 494 -3.27 -19.84 36.66
N PHE A 495 -3.04 -19.33 35.47
CA PHE A 495 -1.77 -19.57 34.85
C PHE A 495 -1.49 -18.33 34.03
N LYS A 496 -0.21 -18.19 33.72
CA LYS A 496 0.24 -17.08 32.91
C LYS A 496 0.88 -17.58 31.60
N LEU A 497 0.51 -16.86 30.52
CA LEU A 497 1.21 -16.96 29.27
C LEU A 497 2.68 -16.54 29.25
N GLU A 498 3.52 -17.54 28.96
CA GLU A 498 4.94 -17.41 28.74
C GLU A 498 5.05 -16.72 27.36
N ALA A 499 6.05 -15.88 27.25
CA ALA A 499 6.34 -15.20 26.01
C ALA A 499 6.65 -16.20 24.90
N PRO A 500 6.14 -16.01 23.70
CA PRO A 500 6.31 -16.96 22.63
C PRO A 500 7.73 -16.97 22.12
N ASP A 501 8.16 -18.18 21.80
CA ASP A 501 9.44 -18.38 21.16
C ASP A 501 9.14 -19.29 19.97
N ALA A 502 9.77 -19.04 18.84
CA ALA A 502 9.56 -19.88 17.67
C ALA A 502 10.72 -19.78 16.71
N ASP A 503 10.97 -20.69 15.77
CA ASP A 503 12.03 -20.52 14.80
C ASP A 503 11.65 -19.47 13.76
N GLU A 504 12.64 -18.74 13.24
CA GLU A 504 12.36 -17.73 12.23
C GLU A 504 12.08 -18.35 10.88
N LEU A 505 12.73 -19.47 10.59
CA LEU A 505 12.59 -20.15 9.31
C LEU A 505 12.44 -21.64 9.62
N PRO A 506 11.92 -22.52 8.72
CA PRO A 506 11.79 -23.94 9.00
C PRO A 506 13.16 -24.57 9.13
N ARG A 507 13.31 -25.47 10.10
CA ARG A 507 14.56 -26.19 10.29
C ARG A 507 14.82 -27.05 9.08
N ALA A 508 13.77 -27.71 8.63
CA ALA A 508 13.88 -28.42 7.38
C ALA A 508 13.68 -27.38 6.28
N GLU A 509 13.70 -27.76 5.01
CA GLU A 509 13.46 -26.75 3.99
C GLU A 509 11.99 -26.36 3.96
N PHE A 510 11.63 -25.34 3.21
CA PHE A 510 10.23 -24.98 3.09
C PHE A 510 9.53 -26.01 2.23
N ASP A 511 8.26 -26.36 2.49
CA ASP A 511 7.51 -27.15 1.55
C ASP A 511 6.87 -26.12 0.59
N PRO A 512 7.13 -26.20 -0.70
CA PRO A 512 6.63 -25.22 -1.65
C PRO A 512 5.14 -25.25 -1.90
N GLY A 513 4.44 -26.33 -1.52
CA GLY A 513 3.00 -26.43 -1.71
C GLY A 513 2.64 -26.72 -3.16
N GLN A 514 1.41 -26.45 -3.61
CA GLN A 514 1.08 -26.71 -4.99
C GLN A 514 1.56 -25.62 -5.93
N ASP A 515 1.76 -26.06 -7.18
CA ASP A 515 2.20 -25.27 -8.32
C ASP A 515 1.27 -24.07 -8.52
N THR A 516 1.70 -22.82 -8.63
CA THR A 516 0.71 -21.75 -8.82
C THR A 516 1.18 -20.70 -9.75
N TYR A 517 2.42 -20.79 -10.23
CA TYR A 517 2.94 -19.83 -11.17
C TYR A 517 2.67 -20.28 -12.58
N GLN A 518 2.40 -19.37 -13.47
CA GLN A 518 2.14 -19.66 -14.86
C GLN A 518 3.05 -18.75 -15.65
N HIS A 519 4.08 -19.33 -16.27
CA HIS A 519 5.01 -18.56 -17.08
C HIS A 519 4.35 -18.11 -18.40
N PRO A 520 4.63 -16.91 -18.98
CA PRO A 520 4.15 -16.56 -20.30
C PRO A 520 4.69 -17.49 -21.39
N PRO A 521 3.90 -17.88 -22.40
CA PRO A 521 4.37 -18.58 -23.58
C PRO A 521 5.35 -17.59 -24.16
N LYS A 522 6.63 -17.88 -24.25
CA LYS A 522 7.49 -16.89 -24.89
C LYS A 522 8.02 -17.49 -26.19
N ASP A 523 6.88 -17.71 -26.85
CA ASP A 523 6.69 -18.42 -28.10
C ASP A 523 5.29 -17.89 -28.45
N SER A 524 4.19 -18.66 -28.44
CA SER A 524 2.82 -18.26 -28.72
C SER A 524 2.40 -16.79 -28.61
N SER A 525 2.06 -16.22 -27.44
CA SER A 525 1.64 -14.83 -27.29
C SER A 525 0.64 -14.21 -28.27
N GLY A 526 -0.02 -15.06 -29.06
CA GLY A 526 -1.05 -14.62 -30.00
C GLY A 526 -2.44 -14.86 -29.43
N GLN A 527 -2.50 -14.64 -28.12
CA GLN A 527 -3.75 -14.64 -27.42
C GLN A 527 -4.50 -13.39 -27.87
N ARG A 528 -5.82 -13.52 -27.93
CA ARG A 528 -6.69 -12.37 -28.09
C ARG A 528 -7.15 -12.11 -26.67
N VAL A 529 -7.16 -10.87 -26.23
CA VAL A 529 -7.69 -10.60 -24.91
C VAL A 529 -9.16 -10.25 -25.18
N ASP A 530 -10.13 -10.94 -24.60
CA ASP A 530 -11.53 -10.57 -24.85
C ASP A 530 -12.16 -9.85 -23.66
N VAL A 531 -12.70 -8.69 -23.97
CA VAL A 531 -13.46 -7.94 -23.00
C VAL A 531 -14.84 -7.80 -23.65
N SER A 532 -15.82 -8.53 -23.14
CA SER A 532 -17.21 -8.43 -23.58
C SER A 532 -17.70 -7.00 -23.46
N PRO A 533 -18.32 -6.41 -24.50
CA PRO A 533 -18.83 -5.05 -24.51
C PRO A 533 -20.00 -4.84 -23.60
N THR A 534 -20.58 -5.88 -23.03
CA THR A 534 -21.69 -5.78 -22.08
C THR A 534 -21.21 -6.20 -20.70
N SER A 535 -19.88 -6.38 -20.51
CA SER A 535 -19.37 -6.75 -19.21
C SER A 535 -19.63 -5.60 -18.23
N GLN A 536 -20.01 -6.08 -17.06
CA GLN A 536 -20.16 -5.26 -15.88
C GLN A 536 -18.87 -5.19 -15.09
N ARG A 537 -17.89 -6.05 -15.36
CA ARG A 537 -16.64 -6.06 -14.60
C ARG A 537 -15.44 -5.51 -15.33
N LEU A 538 -15.47 -5.48 -16.65
CA LEU A 538 -14.39 -5.00 -17.44
C LEU A 538 -14.89 -4.08 -18.51
N GLN A 539 -14.15 -3.02 -18.80
CA GLN A 539 -14.55 -2.10 -19.85
C GLN A 539 -13.29 -1.46 -20.39
N LEU A 540 -13.10 -1.47 -21.71
CA LEU A 540 -12.00 -0.77 -22.35
C LEU A 540 -12.21 0.73 -22.12
N LEU A 541 -11.06 1.40 -22.03
CA LEU A 541 -11.01 2.82 -21.80
C LEU A 541 -11.14 3.63 -23.08
N GLU A 542 -11.90 4.68 -22.88
CA GLU A 542 -12.03 5.73 -23.86
C GLU A 542 -11.05 6.82 -23.36
N PRO A 543 -10.18 7.40 -24.17
CA PRO A 543 -9.27 8.47 -23.77
C PRO A 543 -9.96 9.72 -23.23
N PHE A 544 -9.36 10.39 -22.24
CA PHE A 544 -9.86 11.64 -21.70
C PHE A 544 -9.56 12.71 -22.73
N ASP A 545 -10.30 13.79 -22.62
CA ASP A 545 -10.20 14.99 -23.43
C ASP A 545 -8.86 15.68 -23.19
N LYS A 546 -8.29 16.25 -24.25
CA LYS A 546 -7.11 17.10 -24.22
C LYS A 546 -7.51 18.41 -23.56
N TRP A 547 -6.60 19.16 -22.91
CA TRP A 547 -6.91 20.48 -22.37
C TRP A 547 -7.31 21.43 -23.50
N ASP A 548 -8.37 22.22 -23.33
CA ASP A 548 -8.89 23.12 -24.36
C ASP A 548 -8.14 24.41 -24.60
N GLY A 549 -7.08 24.69 -23.83
CA GLY A 549 -6.27 25.88 -23.98
C GLY A 549 -6.79 27.02 -23.13
N LYS A 550 -7.85 26.84 -22.34
CA LYS A 550 -8.34 27.93 -21.55
C LYS A 550 -8.24 27.75 -20.07
N ASP A 551 -8.41 28.87 -19.35
CA ASP A 551 -8.41 28.85 -17.91
C ASP A 551 -9.69 28.17 -17.47
N LEU A 552 -9.75 27.77 -16.23
CA LEU A 552 -10.91 27.10 -15.71
C LEU A 552 -11.79 28.10 -15.00
N GLU A 553 -12.82 28.69 -15.63
CA GLU A 553 -13.68 29.65 -14.95
C GLU A 553 -14.92 29.06 -14.37
N ASP A 554 -15.33 29.65 -13.23
CA ASP A 554 -16.59 29.39 -12.58
C ASP A 554 -16.92 27.94 -12.37
N LEU A 555 -15.96 27.39 -11.66
CA LEU A 555 -15.98 25.99 -11.30
C LEU A 555 -16.90 25.87 -10.11
N GLN A 556 -17.68 24.83 -10.11
CA GLN A 556 -18.56 24.53 -9.02
C GLN A 556 -17.82 23.70 -7.98
N ILE A 557 -18.03 23.89 -6.68
CA ILE A 557 -17.37 23.06 -5.70
C ILE A 557 -18.28 21.86 -5.58
N LEU A 558 -17.84 20.65 -5.93
CA LEU A 558 -18.67 19.47 -5.71
C LEU A 558 -18.77 19.23 -4.20
N ILE A 559 -17.68 19.31 -3.45
CA ILE A 559 -17.69 19.05 -2.03
C ILE A 559 -16.42 19.73 -1.45
N LYS A 560 -16.57 20.29 -0.24
CA LYS A 560 -15.46 20.79 0.53
C LYS A 560 -15.42 19.80 1.69
N VAL A 561 -14.39 19.00 1.72
CA VAL A 561 -14.21 17.94 2.71
C VAL A 561 -13.55 18.47 3.98
N LYS A 562 -13.99 17.89 5.07
CA LYS A 562 -13.52 18.29 6.37
C LYS A 562 -12.71 17.13 6.90
N GLY A 563 -11.47 17.33 7.33
CA GLY A 563 -10.79 16.24 8.00
C GLY A 563 -10.11 15.26 7.07
N LYS A 564 -9.90 14.09 7.68
CA LYS A 564 -9.19 12.96 7.07
C LYS A 564 -9.93 12.46 5.85
N CYS A 565 -9.24 12.37 4.72
CA CYS A 565 -9.83 11.88 3.52
C CYS A 565 -8.78 11.01 2.81
N THR A 566 -8.86 9.76 3.20
CA THR A 566 -8.11 8.59 2.76
C THR A 566 -8.53 8.16 1.32
N THR A 567 -7.77 7.36 0.53
CA THR A 567 -8.28 6.82 -0.74
C THR A 567 -9.41 5.82 -0.44
N ASP A 568 -9.59 5.21 0.74
CA ASP A 568 -10.76 4.40 1.07
C ASP A 568 -11.98 5.32 1.25
N HIS A 569 -11.81 6.61 1.54
CA HIS A 569 -12.94 7.52 1.61
C HIS A 569 -13.32 7.94 0.20
N ILE A 570 -12.32 8.11 -0.68
CA ILE A 570 -12.53 8.57 -2.06
C ILE A 570 -13.04 7.43 -2.96
N SER A 571 -12.53 6.20 -2.85
CA SER A 571 -12.94 5.06 -3.66
C SER A 571 -12.74 3.82 -2.82
N ALA A 572 -13.82 3.54 -2.10
CA ALA A 572 -13.90 2.40 -1.22
C ALA A 572 -13.59 1.06 -1.89
N ALA A 573 -13.18 0.07 -1.12
CA ALA A 573 -12.88 -1.26 -1.62
C ALA A 573 -13.96 -2.24 -1.16
N GLY A 574 -13.70 -3.39 -0.49
CA GLY A 574 -14.73 -4.33 -0.09
C GLY A 574 -15.55 -4.69 -1.34
N PRO A 575 -16.88 -4.42 -1.36
CA PRO A 575 -17.79 -4.76 -2.46
C PRO A 575 -17.54 -4.12 -3.81
N TRP A 576 -16.87 -2.99 -3.78
CA TRP A 576 -16.54 -2.27 -4.98
C TRP A 576 -15.37 -2.91 -5.69
N LEU A 577 -14.64 -3.88 -5.10
CA LEU A 577 -13.53 -4.52 -5.83
C LEU A 577 -13.98 -5.24 -7.11
N LYS A 578 -15.25 -5.60 -7.11
CA LYS A 578 -15.93 -6.25 -8.23
C LYS A 578 -15.84 -5.41 -9.51
N PHE A 579 -15.77 -4.09 -9.35
CA PHE A 579 -15.71 -3.21 -10.49
C PHE A 579 -14.34 -2.64 -10.72
N ARG A 580 -13.20 -3.13 -10.18
CA ARG A 580 -11.93 -2.46 -10.46
C ARG A 580 -11.49 -2.41 -11.92
N GLY A 581 -12.15 -3.14 -12.85
CA GLY A 581 -11.83 -3.05 -14.27
C GLY A 581 -12.88 -2.29 -15.05
N HIS A 582 -13.86 -1.70 -14.36
CA HIS A 582 -14.98 -1.04 -15.02
C HIS A 582 -15.09 0.42 -14.49
N LEU A 583 -14.54 1.40 -15.20
CA LEU A 583 -14.50 2.78 -14.71
C LEU A 583 -15.85 3.41 -14.43
N ASP A 584 -16.85 3.17 -15.32
CA ASP A 584 -18.12 3.80 -15.06
C ASP A 584 -18.87 3.19 -13.88
N ASN A 585 -18.71 1.89 -13.68
CA ASN A 585 -19.42 1.27 -12.59
C ASN A 585 -18.80 1.55 -11.24
N ILE A 586 -17.46 1.59 -11.16
CA ILE A 586 -16.84 1.89 -9.89
C ILE A 586 -16.98 3.38 -9.59
N SER A 587 -17.15 4.31 -10.57
CA SER A 587 -17.36 5.72 -10.27
C SER A 587 -18.58 5.99 -9.42
N ASN A 588 -19.46 4.99 -9.20
CA ASN A 588 -20.60 5.19 -8.33
C ASN A 588 -20.19 5.14 -6.88
N ASN A 589 -18.93 4.96 -6.47
CA ASN A 589 -18.58 5.11 -5.05
C ASN A 589 -17.83 6.42 -4.79
N LEU A 590 -17.65 7.29 -5.78
CA LEU A 590 -16.85 8.48 -5.65
C LEU A 590 -17.24 9.36 -4.49
N LEU A 591 -16.26 9.44 -3.58
CA LEU A 591 -16.26 10.25 -2.37
C LEU A 591 -17.42 9.98 -1.44
N ILE A 592 -18.03 8.78 -1.46
CA ILE A 592 -19.16 8.54 -0.57
C ILE A 592 -18.77 8.43 0.89
N GLY A 593 -17.49 8.28 1.22
CA GLY A 593 -17.11 8.25 2.63
C GLY A 593 -16.65 9.63 3.14
N ALA A 594 -16.40 10.61 2.29
CA ALA A 594 -15.82 11.88 2.75
C ALA A 594 -16.82 12.70 3.55
N ILE A 595 -16.48 13.39 4.64
CA ILE A 595 -17.39 14.24 5.42
C ILE A 595 -17.44 15.61 4.76
N ASN A 596 -18.68 16.01 4.45
CA ASN A 596 -18.97 17.32 3.87
C ASN A 596 -18.96 18.32 5.03
N ILE A 597 -18.21 19.40 4.87
CA ILE A 597 -18.15 20.42 5.90
C ILE A 597 -19.52 21.07 6.09
N GLU A 598 -20.35 21.27 5.03
CA GLU A 598 -21.64 21.92 5.16
C GLU A 598 -22.56 21.27 6.20
N ASN A 599 -22.63 19.96 6.25
CA ASN A 599 -23.58 19.35 7.15
C ASN A 599 -22.97 18.30 8.02
N ARG A 600 -21.68 18.05 7.86
CA ARG A 600 -20.94 17.01 8.54
C ARG A 600 -21.44 15.62 8.18
N LYS A 601 -21.96 15.45 6.98
CA LYS A 601 -22.51 14.18 6.53
C LYS A 601 -21.64 13.51 5.48
N ALA A 602 -21.58 12.19 5.51
CA ALA A 602 -20.98 11.41 4.43
C ALA A 602 -22.02 11.19 3.32
N ASN A 603 -21.62 11.32 2.06
CA ASN A 603 -22.47 11.18 0.90
C ASN A 603 -23.76 12.04 0.84
N SER A 604 -23.72 13.32 1.28
CA SER A 604 -24.88 14.18 1.21
C SER A 604 -24.45 15.59 0.90
N VAL A 605 -24.48 15.95 -0.38
CA VAL A 605 -24.09 17.28 -0.78
C VAL A 605 -25.27 17.91 -1.49
N ARG A 606 -25.23 19.24 -1.49
CA ARG A 606 -26.23 20.07 -2.09
C ARG A 606 -25.97 20.17 -3.58
N ASN A 607 -26.96 19.77 -4.38
CA ASN A 607 -26.93 20.03 -5.80
C ASN A 607 -27.28 21.52 -6.00
N ALA A 608 -26.36 22.28 -6.61
CA ALA A 608 -26.46 23.71 -6.84
C ALA A 608 -27.64 24.13 -7.71
N VAL A 609 -28.06 23.25 -8.62
CA VAL A 609 -29.13 23.59 -9.52
C VAL A 609 -30.50 23.31 -8.95
N THR A 610 -30.63 22.13 -8.34
CA THR A 610 -31.90 21.65 -7.83
C THR A 610 -32.12 21.96 -6.38
N GLN A 611 -31.05 22.28 -5.65
CA GLN A 611 -31.13 22.56 -4.24
C GLN A 611 -31.65 21.45 -3.37
N GLU A 612 -31.35 20.26 -3.85
CA GLU A 612 -31.67 19.09 -3.08
C GLU A 612 -30.38 18.47 -2.61
N PHE A 613 -30.31 17.92 -1.40
CA PHE A 613 -29.12 17.20 -0.96
C PHE A 613 -29.20 15.77 -1.45
N GLY A 614 -28.11 15.23 -1.99
CA GLY A 614 -28.09 13.89 -2.53
C GLY A 614 -26.70 13.29 -2.49
N PRO A 615 -26.57 12.06 -2.98
CA PRO A 615 -25.29 11.40 -3.11
C PRO A 615 -24.31 12.15 -3.97
N VAL A 616 -23.05 11.99 -3.58
CA VAL A 616 -21.98 12.65 -4.30
C VAL A 616 -21.81 12.16 -5.72
N PRO A 617 -21.73 10.84 -6.05
CA PRO A 617 -21.60 10.32 -7.42
C PRO A 617 -22.70 10.84 -8.36
N ASP A 618 -23.94 10.85 -7.85
CA ASP A 618 -25.10 11.31 -8.58
C ASP A 618 -25.04 12.78 -8.85
N THR A 619 -24.59 13.56 -7.85
CA THR A 619 -24.44 14.99 -8.09
C THR A 619 -23.33 15.28 -9.08
N ALA A 620 -22.20 14.55 -9.02
CA ALA A 620 -21.14 14.77 -10.01
C ALA A 620 -21.64 14.39 -11.39
N ARG A 621 -22.38 13.29 -11.55
CA ARG A 621 -22.91 12.93 -12.86
C ARG A 621 -23.87 14.00 -13.34
N TYR A 622 -24.72 14.56 -12.47
CA TYR A 622 -25.64 15.61 -12.88
C TYR A 622 -24.86 16.80 -13.39
N TYR A 623 -23.81 17.24 -12.69
CA TYR A 623 -23.04 18.38 -13.16
C TYR A 623 -22.40 18.02 -14.46
N LYS A 624 -21.83 16.82 -14.59
CA LYS A 624 -21.22 16.41 -15.85
C LYS A 624 -22.22 16.43 -17.03
N GLN A 625 -23.41 15.90 -16.78
CA GLN A 625 -24.52 15.82 -17.74
C GLN A 625 -24.87 17.25 -18.17
N HIS A 626 -24.85 18.19 -17.26
CA HIS A 626 -25.21 19.54 -17.62
C HIS A 626 -24.05 20.44 -17.97
N GLY A 627 -22.82 19.95 -18.18
CA GLY A 627 -21.67 20.80 -18.52
C GLY A 627 -21.14 21.65 -17.36
N ILE A 628 -21.33 21.30 -16.10
CA ILE A 628 -20.81 22.06 -14.96
C ILE A 628 -19.48 21.39 -14.52
N ARG A 629 -18.33 22.03 -14.72
CA ARG A 629 -17.00 21.55 -14.32
C ARG A 629 -16.86 21.80 -12.83
N TRP A 630 -16.35 20.84 -12.08
CA TRP A 630 -16.30 20.95 -10.64
C TRP A 630 -14.93 20.68 -10.06
N VAL A 631 -14.87 20.90 -8.76
CA VAL A 631 -13.63 20.94 -7.99
C VAL A 631 -13.89 20.28 -6.65
N VAL A 632 -12.89 19.69 -6.02
CA VAL A 632 -13.01 19.20 -4.64
C VAL A 632 -12.03 20.08 -3.86
N ILE A 633 -12.41 20.48 -2.62
CA ILE A 633 -11.56 21.30 -1.76
C ILE A 633 -11.30 20.36 -0.60
N GLY A 634 -10.05 20.05 -0.28
CA GLY A 634 -9.81 19.15 0.82
C GLY A 634 -8.87 19.81 1.82
N ASP A 635 -8.70 19.05 2.88
CA ASP A 635 -7.92 19.46 4.03
C ASP A 635 -6.47 18.94 4.01
N GLU A 636 -5.87 18.44 5.06
CA GLU A 636 -4.49 17.97 5.11
C GLU A 636 -4.34 16.50 4.73
N ASN A 637 -3.24 16.12 4.06
CA ASN A 637 -2.91 14.76 3.72
C ASN A 637 -4.00 14.06 2.89
N TYR A 638 -4.50 14.77 1.91
CA TYR A 638 -5.60 14.27 1.11
C TYR A 638 -5.08 13.12 0.26
N GLY A 639 -5.80 12.02 0.27
CA GLY A 639 -5.41 10.86 -0.51
C GLY A 639 -4.54 9.91 0.29
N GLU A 640 -4.48 10.04 1.62
CA GLU A 640 -3.73 9.14 2.48
C GLU A 640 -4.16 7.70 2.19
N GLY A 641 -3.22 6.78 2.19
CA GLY A 641 -3.55 5.40 2.03
C GLY A 641 -2.99 4.75 0.79
N SER A 642 -3.90 3.87 0.39
CA SER A 642 -3.72 3.00 -0.72
C SER A 642 -3.35 3.75 -1.96
N SER A 643 -2.57 3.09 -2.80
CA SER A 643 -2.14 3.70 -4.07
C SER A 643 -3.20 3.61 -5.18
N ARG A 644 -4.38 3.00 -4.99
CA ARG A 644 -5.37 2.79 -6.05
C ARG A 644 -5.62 4.01 -6.93
N GLU A 645 -5.19 3.93 -8.22
CA GLU A 645 -5.42 5.06 -9.11
C GLU A 645 -6.89 5.37 -9.42
N HIS A 646 -7.82 4.53 -8.95
CA HIS A 646 -9.27 4.73 -9.19
C HIS A 646 -9.69 6.02 -8.48
N SER A 647 -8.99 6.44 -7.41
CA SER A 647 -9.35 7.67 -6.76
C SER A 647 -9.05 8.87 -7.57
N ALA A 648 -8.22 8.72 -8.59
CA ALA A 648 -7.97 9.82 -9.52
C ALA A 648 -8.74 9.65 -10.84
N LEU A 649 -8.90 8.40 -11.34
CA LEU A 649 -9.64 8.12 -12.57
C LEU A 649 -11.11 8.45 -12.38
N GLU A 650 -11.72 8.09 -11.25
CA GLU A 650 -13.13 8.40 -11.03
C GLU A 650 -13.46 9.88 -11.05
N PRO A 651 -12.80 10.84 -10.34
CA PRO A 651 -13.13 12.23 -10.48
C PRO A 651 -12.89 12.71 -11.90
N ARG A 652 -11.92 12.19 -12.64
CA ARG A 652 -11.70 12.65 -14.00
C ARG A 652 -12.89 12.21 -14.87
N HIS A 653 -13.40 10.99 -14.70
CA HIS A 653 -14.52 10.47 -15.46
C HIS A 653 -15.79 11.23 -15.18
N LEU A 654 -16.09 11.56 -13.94
CA LEU A 654 -17.29 12.30 -13.62
C LEU A 654 -17.23 13.82 -13.74
N GLY A 655 -16.25 14.35 -14.48
CA GLY A 655 -16.20 15.75 -14.84
C GLY A 655 -15.39 16.67 -13.94
N GLY A 656 -14.64 16.13 -12.98
CA GLY A 656 -13.78 16.89 -12.10
C GLY A 656 -12.59 17.46 -12.83
N ARG A 657 -12.18 18.61 -12.38
CA ARG A 657 -11.10 19.35 -13.02
C ARG A 657 -9.85 19.56 -12.13
N ALA A 658 -10.06 19.80 -10.82
CA ALA A 658 -8.96 20.13 -9.93
C ALA A 658 -9.35 19.70 -8.53
N ILE A 659 -8.35 19.47 -7.66
CA ILE A 659 -8.56 19.06 -6.28
C ILE A 659 -7.65 20.05 -5.57
N ILE A 660 -8.15 20.88 -4.68
CA ILE A 660 -7.37 21.92 -4.04
C ILE A 660 -7.42 21.58 -2.57
N THR A 661 -6.23 21.32 -1.98
CA THR A 661 -6.09 20.87 -0.58
C THR A 661 -4.98 21.61 0.20
N LYS A 662 -4.91 21.40 1.51
CA LYS A 662 -3.77 21.90 2.30
C LYS A 662 -2.57 21.02 2.00
N SER A 663 -2.68 19.69 1.95
CA SER A 663 -1.57 18.91 1.45
C SER A 663 -2.05 17.60 0.83
N PHE A 664 -1.21 16.88 0.09
CA PHE A 664 -1.53 15.60 -0.54
C PHE A 664 -0.58 14.55 -0.05
N ALA A 665 -1.10 13.33 -0.01
CA ALA A 665 -0.21 12.19 0.13
C ALA A 665 0.39 12.00 -1.26
N ARG A 666 1.64 11.51 -1.33
CA ARG A 666 2.42 11.39 -2.54
C ARG A 666 1.82 10.58 -3.65
N ILE A 667 1.38 9.36 -3.39
CA ILE A 667 0.97 8.54 -4.55
C ILE A 667 -0.30 9.12 -5.16
N HIS A 668 -1.25 9.60 -4.37
CA HIS A 668 -2.47 10.17 -4.90
C HIS A 668 -2.21 11.40 -5.71
N GLU A 669 -1.28 12.26 -5.29
CA GLU A 669 -0.94 13.43 -6.05
C GLU A 669 -0.34 13.05 -7.40
N THR A 670 0.56 12.07 -7.45
CA THR A 670 1.06 11.60 -8.72
C THR A 670 -0.06 11.01 -9.58
N ASN A 671 -0.96 10.18 -9.06
CA ASN A 671 -2.09 9.60 -9.80
C ASN A 671 -2.97 10.70 -10.34
N LEU A 672 -3.22 11.79 -9.60
CA LEU A 672 -4.01 12.91 -10.05
C LEU A 672 -3.38 13.60 -11.23
N LYS A 673 -2.07 13.87 -11.24
CA LYS A 673 -1.41 14.47 -12.39
C LYS A 673 -1.41 13.50 -13.57
N LYS A 674 -1.25 12.20 -13.34
CA LYS A 674 -1.27 11.18 -14.38
C LYS A 674 -2.56 11.14 -15.21
N GLN A 675 -3.69 11.44 -14.55
CA GLN A 675 -5.02 11.40 -15.16
C GLN A 675 -5.48 12.76 -15.64
N GLY A 676 -4.55 13.71 -15.78
CA GLY A 676 -4.87 15.03 -16.31
C GLY A 676 -5.67 15.98 -15.42
N LEU A 677 -5.74 15.73 -14.10
CA LEU A 677 -6.36 16.65 -13.15
C LEU A 677 -5.30 17.59 -12.58
N LEU A 678 -5.71 18.69 -11.97
CA LEU A 678 -4.81 19.63 -11.36
C LEU A 678 -4.76 19.44 -9.87
N PRO A 679 -3.80 18.77 -9.21
CA PRO A 679 -3.70 18.76 -7.77
C PRO A 679 -2.97 20.03 -7.32
N LEU A 680 -3.69 20.92 -6.59
CA LEU A 680 -3.12 22.21 -6.19
C LEU A 680 -3.16 22.37 -4.67
N THR A 681 -2.18 22.99 -4.03
CA THR A 681 -2.28 23.23 -2.60
C THR A 681 -2.40 24.73 -2.31
N PHE A 682 -3.01 25.11 -1.20
CA PHE A 682 -3.09 26.52 -0.80
C PHE A 682 -1.68 27.02 -0.52
N ALA A 683 -1.29 28.18 -1.06
CA ALA A 683 -0.04 28.81 -0.68
C ALA A 683 -0.18 29.20 0.79
N ASP A 684 -1.36 29.56 1.31
CA ASP A 684 -1.57 29.82 2.73
C ASP A 684 -2.71 28.93 3.13
N PRO A 685 -2.49 27.83 3.84
CA PRO A 685 -3.56 26.96 4.32
C PRO A 685 -4.74 27.59 5.02
N ALA A 686 -4.66 28.83 5.52
CA ALA A 686 -5.80 29.47 6.14
C ALA A 686 -6.81 29.86 5.09
N ASP A 687 -6.43 29.97 3.83
CA ASP A 687 -7.37 30.21 2.77
C ASP A 687 -8.43 29.14 2.54
N TYR A 688 -8.28 27.99 3.16
CA TYR A 688 -9.29 26.97 3.11
C TYR A 688 -10.56 27.52 3.76
N ASN A 689 -10.41 28.44 4.72
CA ASN A 689 -11.54 29.03 5.44
C ASN A 689 -12.27 30.13 4.71
N LYS A 690 -11.69 30.63 3.63
CA LYS A 690 -12.28 31.65 2.76
C LYS A 690 -13.24 31.14 1.70
N ILE A 691 -13.17 29.82 1.49
CA ILE A 691 -13.94 29.14 0.49
C ILE A 691 -15.07 28.39 1.20
N HIS A 692 -16.27 28.73 0.74
CA HIS A 692 -17.55 28.18 1.20
C HIS A 692 -18.06 27.35 0.04
N PRO A 693 -18.83 26.27 0.31
CA PRO A 693 -19.50 25.42 -0.68
C PRO A 693 -20.21 26.15 -1.82
N VAL A 694 -20.74 27.34 -1.53
CA VAL A 694 -21.52 28.13 -2.47
C VAL A 694 -20.71 28.97 -3.44
N ASP A 695 -19.41 29.14 -3.15
CA ASP A 695 -18.55 30.00 -3.95
C ASP A 695 -18.19 29.32 -5.28
N LYS A 696 -17.87 30.06 -6.34
CA LYS A 696 -17.42 29.47 -7.61
C LYS A 696 -15.96 29.88 -7.75
N LEU A 697 -15.09 29.11 -8.45
CA LEU A 697 -13.68 29.44 -8.49
C LEU A 697 -13.19 29.55 -9.91
N THR A 698 -12.30 30.47 -10.19
CA THR A 698 -11.60 30.48 -11.47
C THR A 698 -10.09 30.23 -11.23
N ILE A 699 -9.50 29.23 -11.90
CA ILE A 699 -8.09 28.95 -11.79
C ILE A 699 -7.59 29.72 -13.01
N GLN A 700 -6.63 30.61 -12.83
CA GLN A 700 -6.18 31.45 -13.90
C GLN A 700 -4.69 31.27 -14.09
N GLY A 701 -4.26 31.48 -15.32
CA GLY A 701 -2.83 31.39 -15.65
C GLY A 701 -2.38 30.01 -16.12
N LEU A 702 -3.29 29.21 -16.68
CA LEU A 702 -2.94 27.89 -17.15
C LEU A 702 -2.14 28.00 -18.44
N LYS A 703 -2.24 29.11 -19.16
CA LYS A 703 -1.49 29.30 -20.41
C LYS A 703 0.01 29.36 -20.27
N ASP A 704 0.46 29.87 -19.14
CA ASP A 704 1.89 29.90 -18.90
C ASP A 704 2.16 29.21 -17.58
N PHE A 705 1.50 28.06 -17.49
CA PHE A 705 1.66 27.11 -16.37
C PHE A 705 3.16 26.76 -16.34
N ALA A 706 3.84 26.78 -15.21
CA ALA A 706 5.29 26.58 -15.23
C ALA A 706 5.75 26.00 -13.92
N PRO A 707 6.81 25.16 -13.90
CA PRO A 707 7.43 24.66 -12.67
C PRO A 707 7.80 25.84 -11.75
N GLY A 708 7.30 25.81 -10.51
CA GLY A 708 7.70 26.80 -9.54
C GLY A 708 6.84 28.05 -9.54
N LYS A 709 6.03 28.35 -10.56
CA LYS A 709 5.19 29.54 -10.57
C LYS A 709 3.80 29.15 -10.02
N PRO A 710 3.26 29.75 -8.94
CA PRO A 710 1.91 29.52 -8.47
C PRO A 710 0.80 29.97 -9.45
N LEU A 711 -0.41 29.45 -9.24
CA LEU A 711 -1.58 29.75 -10.04
C LEU A 711 -2.47 30.61 -9.21
N LYS A 712 -3.14 31.55 -9.86
CA LYS A 712 -4.08 32.46 -9.23
C LYS A 712 -5.46 31.86 -9.18
N CYS A 713 -6.11 31.86 -8.04
CA CYS A 713 -7.44 31.34 -7.91
C CYS A 713 -8.30 32.53 -7.52
N ILE A 714 -9.34 32.91 -8.29
CA ILE A 714 -10.30 33.97 -7.95
C ILE A 714 -11.50 33.31 -7.27
N ILE A 715 -11.79 33.57 -6.01
CA ILE A 715 -12.94 33.06 -5.33
C ILE A 715 -14.07 34.04 -5.61
N LYS A 716 -15.13 33.60 -6.30
CA LYS A 716 -16.28 34.45 -6.58
C LYS A 716 -17.39 34.17 -5.56
N HIS A 717 -17.64 35.10 -4.65
CA HIS A 717 -18.70 34.98 -3.64
C HIS A 717 -20.03 35.42 -4.24
N PRO A 718 -21.17 34.91 -3.71
CA PRO A 718 -22.51 35.09 -4.25
C PRO A 718 -23.00 36.55 -4.35
N ASN A 719 -22.60 37.29 -3.33
CA ASN A 719 -22.79 38.72 -3.25
C ASN A 719 -21.90 39.49 -4.22
N GLY A 720 -21.23 38.93 -5.23
CA GLY A 720 -20.42 39.74 -6.14
C GLY A 720 -18.99 39.96 -5.66
N THR A 721 -18.71 39.82 -4.37
CA THR A 721 -17.37 39.95 -3.79
C THR A 721 -16.42 38.91 -4.38
N GLN A 722 -15.24 39.28 -4.83
CA GLN A 722 -14.25 38.32 -5.28
C GLN A 722 -13.05 38.40 -4.37
N GLU A 723 -12.15 37.42 -4.34
CA GLU A 723 -10.93 37.43 -3.54
C GLU A 723 -9.94 36.61 -4.38
N THR A 724 -8.68 37.02 -4.62
CA THR A 724 -7.72 36.20 -5.30
C THR A 724 -6.82 35.57 -4.25
N ILE A 725 -6.51 34.28 -4.38
CA ILE A 725 -5.56 33.59 -3.56
C ILE A 725 -4.60 32.92 -4.53
N LEU A 726 -3.44 32.48 -4.02
CA LEU A 726 -2.43 31.76 -4.81
C LEU A 726 -2.37 30.28 -4.45
N LEU A 727 -2.12 29.44 -5.44
CA LEU A 727 -2.13 28.00 -5.22
C LEU A 727 -0.87 27.44 -5.79
N ASN A 728 -0.20 26.64 -4.98
CA ASN A 728 1.04 26.01 -5.46
C ASN A 728 0.76 24.66 -6.10
N HIS A 729 1.73 24.19 -6.87
CA HIS A 729 1.65 22.90 -7.53
C HIS A 729 3.08 22.35 -7.56
N THR A 730 3.35 21.04 -7.78
CA THR A 730 4.72 20.56 -7.85
C THR A 730 5.03 19.96 -9.24
N PHE A 731 4.40 20.43 -10.30
CA PHE A 731 4.60 19.98 -11.67
C PHE A 731 5.97 20.39 -12.23
N ASN A 732 6.68 19.46 -12.82
CA ASN A 732 7.83 19.78 -13.63
C ASN A 732 7.34 19.83 -15.09
N GLU A 733 8.16 20.06 -16.14
CA GLU A 733 7.61 20.19 -17.48
C GLU A 733 7.15 18.87 -18.08
N THR A 734 7.66 17.71 -17.65
CA THR A 734 7.18 16.40 -18.06
C THR A 734 5.71 16.33 -17.66
N GLN A 735 5.39 16.61 -16.40
CA GLN A 735 4.04 16.54 -15.92
C GLN A 735 3.12 17.59 -16.53
N ILE A 736 3.57 18.80 -16.89
CA ILE A 736 2.69 19.77 -17.54
C ILE A 736 2.30 19.21 -18.91
N GLU A 737 3.16 18.49 -19.60
CA GLU A 737 2.76 17.80 -20.80
C GLU A 737 1.61 16.81 -20.57
N TRP A 738 1.55 16.05 -19.47
CA TRP A 738 0.46 15.14 -19.18
C TRP A 738 -0.84 15.95 -19.07
N PHE A 739 -0.80 17.07 -18.33
CA PHE A 739 -1.95 17.92 -18.20
C PHE A 739 -2.43 18.44 -19.56
N ARG A 740 -1.56 19.01 -20.40
CA ARG A 740 -1.95 19.58 -21.68
C ARG A 740 -2.57 18.52 -22.60
N ALA A 741 -1.98 17.30 -22.65
CA ALA A 741 -2.50 16.19 -23.42
C ALA A 741 -3.80 15.59 -22.91
N GLY A 742 -4.25 15.83 -21.69
CA GLY A 742 -5.46 15.19 -21.21
C GLY A 742 -5.12 14.08 -20.22
N SER A 743 -3.98 13.42 -20.37
CA SER A 743 -3.49 12.47 -19.37
C SER A 743 -2.10 12.03 -19.81
N ALA A 744 -1.40 11.29 -18.94
CA ALA A 744 -0.07 10.77 -19.29
C ALA A 744 -0.09 9.76 -20.43
N LEU A 745 -1.11 8.88 -20.41
CA LEU A 745 -1.34 7.89 -21.45
C LEU A 745 -1.60 8.60 -22.77
N ASN A 746 -2.36 9.74 -22.84
CA ASN A 746 -2.59 10.47 -24.09
C ASN A 746 -1.33 11.05 -24.66
N ARG A 747 -0.44 11.46 -23.77
CA ARG A 747 0.83 12.06 -24.09
C ARG A 747 1.74 10.99 -24.66
N MET A 748 1.80 9.82 -24.03
CA MET A 748 2.61 8.71 -24.55
C MET A 748 2.12 8.34 -25.95
N LYS A 749 0.81 8.37 -26.16
CA LYS A 749 0.31 8.06 -27.46
C LYS A 749 0.66 9.15 -28.43
N GLU A 750 0.78 10.44 -28.10
CA GLU A 750 1.25 11.40 -29.05
C GLU A 750 2.69 11.07 -29.43
N LEU A 751 3.58 10.75 -28.50
CA LEU A 751 4.97 10.42 -28.83
C LEU A 751 5.14 9.21 -29.75
N GLN A 752 4.10 8.40 -29.92
CA GLN A 752 4.10 7.33 -30.91
C GLN A 752 3.68 7.95 -32.24
N GLN A 753 4.50 8.91 -32.71
CA GLN A 753 4.46 9.65 -33.97
C GLN A 753 3.20 10.01 -34.75
N LYS A 754 2.08 9.87 -34.08
CA LYS A 754 0.75 10.14 -34.61
C LYS A 754 -0.16 10.37 -33.40
FE1 SF4 B . -1.59 -6.28 2.25
FE2 SF4 B . -4.09 -6.00 3.16
FE3 SF4 B . -3.64 -7.24 0.88
FE4 SF4 B . -3.23 -4.42 0.92
S1 SF4 B . -5.22 -5.58 1.27
S2 SF4 B . -1.83 -6.08 0.00
S3 SF4 B . -2.48 -4.37 3.13
S4 SF4 B . -2.95 -7.99 2.98
C1 ICT C . -5.06 -1.82 0.36
O1 ICT C . -5.82 -0.79 0.45
O2 ICT C . -4.48 -2.31 1.35
C2 ICT C . -4.78 -2.44 -0.97
O7 ICT C . -3.78 -3.48 -0.94
C3 ICT C . -4.36 -1.27 -1.86
C4 ICT C . -4.66 -1.52 -3.31
C5 ICT C . -6.11 -1.74 -3.66
O3 ICT C . -6.26 -2.70 -4.43
O4 ICT C . -7.07 -1.06 -3.20
C6 ICT C . -3.06 -0.52 -1.63
O5 ICT C . -2.61 -0.41 -0.53
O6 ICT C . -2.46 0.10 -2.51
#